data_2WB4
#
_entry.id   2WB4
#
_cell.length_a   123.560
_cell.length_b   127.430
_cell.length_c   88.130
_cell.angle_alpha   90.00
_cell.angle_beta   90.00
_cell.angle_gamma   90.00
#
_symmetry.space_group_name_H-M   'P 21 21 2'
#
loop_
_entity.id
_entity.type
_entity.pdbx_description
1 polymer 'DIGUANYLATE CYCLASE'
2 non-polymer 'BERYLLIUM TRIFLUORIDE ION'
3 non-polymer 'MAGNESIUM ION'
4 non-polymer "9,9'-[(2R,3R,3aS,5S,7aR,9R,10R,10aS,12S,14aR)-3,5,10,12-tetrahydroxy-5,12-dioxidooctahydro-2H,7H-difuro[3,2-d:3',2'-j][1,3,7,9,2,8]tetraoxadiphosphacyclododecine-2,9-diyl]bis(2-amino-1,9-dihydro-6H-purin-6-one)"
5 non-polymer 'SULFATE ION'
6 water water
#
_entity_poly.entity_id   1
_entity_poly.type   'polypeptide(L)'
_entity_poly.pdbx_seq_one_letter_code
;MSARILVVDDIEANVRLLEAKLTAEYYEVSTAMDGPTALAMAARDLPDIILLDVMMPGMDGFTVCRKLKDDPTTRHIPVV
LITALDGRGDRIQGLESGASDFLTKPIDDVMLFARVRSLTRFKLVIDELRQREASGRRMGVIAGAAARLDGLGGRVLIVD
DNERQAQRVAAELGVEHRPVIESDPEKAKISAGGPVDLVIVNAAAKNFDGLRFTAALRSEERTRQLPVLAMVDPDDRGRM
VKALEIGVNDILSRPIDPQELSARVKTQIQRKRYTDYLRNNLDHSLELAVTDQLTGLHNRRYMTGQLDSLVKRATLGGDP
VSALLIDIDFFKKINDTFGHDIGDEVLREFALRLASNVRAIDLPCRYGGEEFVVIMPDTALADALRIAERIRMHVSGSPF
TVAHGREMLNVTISIGVSATAGEGDTPEALLKRADEGVYQAKASGRNAVVGKAAHHHHH
;
_entity_poly.pdbx_strand_id   A,B
#
# COMPACT_ATOMS: atom_id res chain seq x y z
N SER A 2 -19.69 8.74 -6.71
CA SER A 2 -18.52 8.81 -5.77
C SER A 2 -18.30 7.48 -5.05
N ALA A 3 -19.21 6.56 -5.27
CA ALA A 3 -19.02 5.16 -4.94
C ALA A 3 -19.72 4.35 -6.01
N ARG A 4 -19.19 3.17 -6.30
CA ARG A 4 -19.86 2.27 -7.22
C ARG A 4 -20.68 1.29 -6.39
N ILE A 5 -21.98 1.22 -6.64
CA ILE A 5 -22.86 0.37 -5.87
C ILE A 5 -23.54 -0.60 -6.78
N LEU A 6 -23.58 -1.86 -6.35
CA LEU A 6 -24.24 -2.90 -7.11
C LEU A 6 -25.54 -3.32 -6.41
N VAL A 7 -26.66 -3.14 -7.11
CA VAL A 7 -27.98 -3.45 -6.57
C VAL A 7 -28.45 -4.76 -7.16
N VAL A 8 -28.97 -5.65 -6.31
CA VAL A 8 -29.41 -6.98 -6.74
C VAL A 8 -30.77 -7.26 -6.14
N ASP A 9 -31.73 -7.62 -7.01
CA ASP A 9 -33.11 -7.89 -6.59
C ASP A 9 -33.83 -8.50 -7.78
N ASP A 10 -34.73 -9.45 -7.53
CA ASP A 10 -35.47 -10.11 -8.61
C ASP A 10 -36.68 -9.34 -9.13
N ILE A 11 -37.18 -8.35 -8.40
CA ILE A 11 -38.32 -7.55 -8.88
C ILE A 11 -37.80 -6.24 -9.43
N GLU A 12 -38.08 -5.99 -10.71
CA GLU A 12 -37.50 -4.84 -11.42
C GLU A 12 -37.95 -3.54 -10.77
N ALA A 13 -39.19 -3.52 -10.28
CA ALA A 13 -39.71 -2.34 -9.59
C ALA A 13 -38.79 -1.95 -8.45
N ASN A 14 -38.31 -2.93 -7.70
CA ASN A 14 -37.41 -2.67 -6.57
C ASN A 14 -36.07 -2.09 -6.98
N VAL A 15 -35.47 -2.67 -8.02
CA VAL A 15 -34.18 -2.21 -8.54
C VAL A 15 -34.27 -0.77 -9.05
N ARG A 16 -35.21 -0.51 -9.96
CA ARG A 16 -35.41 0.86 -10.51
C ARG A 16 -35.53 1.91 -9.39
N LEU A 17 -36.39 1.66 -8.40
CA LEU A 17 -36.60 2.61 -7.32
C LEU A 17 -35.30 2.92 -6.57
N LEU A 18 -34.62 1.87 -6.16
CA LEU A 18 -33.39 1.98 -5.39
C LEU A 18 -32.32 2.71 -6.22
N GLU A 19 -32.18 2.28 -7.47
CA GLU A 19 -31.26 2.91 -8.42
C GLU A 19 -31.52 4.42 -8.47
N ALA A 20 -32.78 4.80 -8.62
CA ALA A 20 -33.16 6.20 -8.65
C ALA A 20 -32.67 6.94 -7.40
N LYS A 21 -32.93 6.39 -6.23
CA LYS A 21 -32.59 7.11 -5.01
C LYS A 21 -31.10 7.33 -4.98
N LEU A 22 -30.36 6.30 -5.38
CA LEU A 22 -28.90 6.28 -5.28
C LEU A 22 -28.24 7.19 -6.29
N THR A 23 -28.72 7.16 -7.52
CA THR A 23 -28.16 8.00 -8.57
C THR A 23 -28.48 9.46 -8.25
N ALA A 24 -29.60 9.68 -7.57
CA ALA A 24 -29.99 11.03 -7.16
C ALA A 24 -29.05 11.63 -6.12
N GLU A 25 -28.36 10.78 -5.35
CA GLU A 25 -27.28 11.27 -4.46
C GLU A 25 -25.86 11.05 -5.06
N TYR A 26 -25.79 10.77 -6.37
CA TYR A 26 -24.54 10.80 -7.18
C TYR A 26 -23.63 9.56 -7.10
N TYR A 27 -24.20 8.42 -6.76
CA TYR A 27 -23.49 7.15 -6.87
C TYR A 27 -23.58 6.55 -8.26
N GLU A 28 -22.56 5.83 -8.66
CA GLU A 28 -22.59 5.08 -9.91
C GLU A 28 -23.22 3.71 -9.65
N VAL A 29 -24.43 3.52 -10.14
CA VAL A 29 -25.19 2.33 -9.82
C VAL A 29 -25.20 1.34 -10.99
N SER A 30 -24.97 0.07 -10.65
CA SER A 30 -25.13 -1.06 -11.58
C SER A 30 -26.10 -2.04 -10.96
N THR A 31 -26.70 -2.90 -11.78
CA THR A 31 -27.81 -3.76 -11.32
C THR A 31 -27.73 -5.21 -11.84
N ALA A 32 -28.46 -6.09 -11.16
CA ALA A 32 -28.50 -7.52 -11.47
C ALA A 32 -29.84 -8.10 -10.97
N MET A 33 -30.44 -8.98 -11.77
CA MET A 33 -31.76 -9.53 -11.49
C MET A 33 -31.71 -10.91 -10.85
N ASP A 34 -30.52 -11.48 -10.71
CA ASP A 34 -30.41 -12.77 -10.03
C ASP A 34 -29.02 -13.02 -9.43
N GLY A 35 -28.84 -14.22 -8.86
CA GLY A 35 -27.64 -14.57 -8.12
C GLY A 35 -26.41 -14.77 -8.99
N PRO A 36 -26.48 -15.74 -9.90
CA PRO A 36 -25.37 -16.02 -10.84
C PRO A 36 -24.84 -14.76 -11.56
N THR A 37 -25.73 -13.97 -12.15
CA THR A 37 -25.35 -12.71 -12.77
C THR A 37 -24.65 -11.82 -11.76
N ALA A 38 -25.17 -11.79 -10.54
CA ALA A 38 -24.65 -10.90 -9.52
C ALA A 38 -23.23 -11.26 -9.14
N LEU A 39 -22.98 -12.56 -8.94
CA LEU A 39 -21.63 -13.05 -8.69
C LEU A 39 -20.68 -12.66 -9.81
N ALA A 40 -21.11 -12.92 -11.05
CA ALA A 40 -20.29 -12.57 -12.22
C ALA A 40 -19.91 -11.07 -12.23
N MET A 41 -20.90 -10.19 -12.13
CA MET A 41 -20.63 -8.75 -12.13
C MET A 41 -19.67 -8.35 -11.03
N ALA A 42 -19.85 -8.91 -9.84
CA ALA A 42 -19.03 -8.48 -8.70
C ALA A 42 -17.57 -8.87 -8.97
N ALA A 43 -17.37 -10.13 -9.35
CA ALA A 43 -16.03 -10.63 -9.71
C ALA A 43 -15.39 -9.69 -10.73
N ARG A 44 -16.16 -9.31 -11.75
CA ARG A 44 -15.65 -8.50 -12.85
C ARG A 44 -15.41 -7.00 -12.56
N ASP A 45 -16.33 -6.34 -11.85
CA ASP A 45 -16.35 -4.86 -11.74
C ASP A 45 -15.88 -4.28 -10.41
N LEU A 46 -15.77 -5.15 -9.42
CA LEU A 46 -15.30 -4.76 -8.06
C LEU A 46 -16.03 -3.55 -7.48
N PRO A 47 -17.36 -3.65 -7.30
CA PRO A 47 -18.08 -2.55 -6.69
C PRO A 47 -17.61 -2.23 -5.29
N ASP A 48 -17.80 -1.00 -4.87
CA ASP A 48 -17.47 -0.57 -3.53
C ASP A 48 -18.41 -1.17 -2.50
N ILE A 49 -19.69 -1.30 -2.86
CA ILE A 49 -20.73 -1.80 -1.97
C ILE A 49 -21.73 -2.65 -2.74
N ILE A 50 -22.23 -3.69 -2.09
CA ILE A 50 -23.29 -4.51 -2.65
C ILE A 50 -24.55 -4.50 -1.79
N LEU A 51 -25.68 -4.20 -2.44
CA LEU A 51 -26.99 -4.15 -1.81
C LEU A 51 -27.72 -5.34 -2.36
N LEU A 52 -28.28 -6.18 -1.50
CA LEU A 52 -28.67 -7.54 -1.92
C LEU A 52 -30.01 -8.05 -1.41
N ASP A 53 -30.96 -8.35 -2.31
CA ASP A 53 -32.24 -8.99 -1.92
C ASP A 53 -31.90 -10.35 -1.32
N VAL A 54 -32.82 -10.92 -0.55
CA VAL A 54 -32.60 -12.27 -0.01
C VAL A 54 -33.41 -13.31 -0.74
N MET A 55 -34.71 -13.06 -0.93
CA MET A 55 -35.58 -14.04 -1.61
C MET A 55 -35.58 -13.82 -3.11
N MET A 56 -35.12 -14.84 -3.82
CA MET A 56 -34.95 -14.81 -5.26
C MET A 56 -35.05 -16.23 -5.75
N PRO A 57 -35.69 -16.46 -6.90
CA PRO A 57 -35.70 -17.82 -7.47
C PRO A 57 -34.27 -18.31 -7.76
N GLY A 58 -34.08 -19.61 -7.61
CA GLY A 58 -32.75 -20.20 -7.75
C GLY A 58 -31.88 -19.88 -6.54
N MET A 59 -30.65 -19.46 -6.80
CA MET A 59 -29.74 -19.04 -5.75
C MET A 59 -30.31 -17.84 -4.98
N ASP A 60 -30.44 -17.99 -3.66
CA ASP A 60 -30.92 -16.89 -2.82
C ASP A 60 -29.79 -16.01 -2.29
N GLY A 61 -30.15 -14.92 -1.63
CA GLY A 61 -29.20 -13.94 -1.17
C GLY A 61 -28.21 -14.45 -0.16
N PHE A 62 -28.62 -15.39 0.69
CA PHE A 62 -27.71 -15.92 1.70
C PHE A 62 -26.58 -16.70 1.08
N THR A 63 -26.88 -17.45 0.04
CA THR A 63 -25.88 -18.21 -0.71
C THR A 63 -24.98 -17.30 -1.53
N VAL A 64 -25.60 -16.31 -2.16
CA VAL A 64 -24.87 -15.35 -2.92
C VAL A 64 -23.85 -14.74 -1.98
N CYS A 65 -24.30 -14.35 -0.81
CA CYS A 65 -23.48 -13.66 0.17
C CYS A 65 -22.36 -14.54 0.76
N ARG A 66 -22.65 -15.83 0.93
CA ARG A 66 -21.64 -16.77 1.35
C ARG A 66 -20.53 -16.83 0.31
N LYS A 67 -20.94 -17.02 -0.94
CA LYS A 67 -20.00 -17.14 -2.04
C LYS A 67 -19.16 -15.88 -2.21
N LEU A 68 -19.73 -14.71 -1.92
CA LEU A 68 -18.97 -13.48 -2.06
C LEU A 68 -17.85 -13.45 -1.07
N LYS A 69 -18.09 -13.98 0.11
CA LYS A 69 -17.10 -13.98 1.16
C LYS A 69 -16.07 -15.10 1.01
N ASP A 70 -16.49 -16.22 0.43
CA ASP A 70 -15.57 -17.34 0.22
C ASP A 70 -14.62 -17.12 -0.99
N ASP A 71 -14.81 -16.06 -1.79
CA ASP A 71 -13.86 -15.76 -2.89
C ASP A 71 -12.88 -14.62 -2.54
N PRO A 72 -11.57 -14.87 -2.67
CA PRO A 72 -10.62 -13.81 -2.30
C PRO A 72 -10.82 -12.48 -3.01
N THR A 73 -11.28 -12.52 -4.26
CA THR A 73 -11.42 -11.29 -5.03
C THR A 73 -12.48 -10.35 -4.45
N THR A 74 -13.58 -10.92 -3.97
CA THR A 74 -14.77 -10.18 -3.58
C THR A 74 -14.93 -10.10 -2.05
N ARG A 75 -14.17 -10.93 -1.36
CA ARG A 75 -14.20 -11.05 0.10
C ARG A 75 -14.28 -9.69 0.83
N HIS A 76 -13.53 -8.71 0.34
CA HIS A 76 -13.40 -7.39 0.97
C HIS A 76 -14.60 -6.43 0.76
N ILE A 77 -15.54 -6.79 -0.14
CA ILE A 77 -16.67 -5.92 -0.44
C ILE A 77 -17.74 -6.03 0.62
N PRO A 78 -18.12 -4.91 1.25
CA PRO A 78 -19.19 -4.91 2.24
C PRO A 78 -20.54 -5.20 1.61
N VAL A 79 -21.29 -6.13 2.19
CA VAL A 79 -22.60 -6.49 1.68
C VAL A 79 -23.69 -6.04 2.62
N VAL A 80 -24.74 -5.45 2.07
CA VAL A 80 -25.90 -5.08 2.85
C VAL A 80 -27.08 -5.87 2.34
N LEU A 81 -27.72 -6.64 3.21
CA LEU A 81 -28.88 -7.37 2.79
C LEU A 81 -30.09 -6.47 2.98
N ILE A 82 -30.98 -6.47 1.99
CA ILE A 82 -32.19 -5.64 2.01
C ILE A 82 -33.32 -6.54 1.63
N THR A 83 -34.27 -6.72 2.53
CA THR A 83 -35.19 -7.83 2.40
C THR A 83 -36.57 -7.58 3.04
N ALA A 84 -37.58 -8.20 2.46
CA ALA A 84 -38.92 -8.12 2.99
C ALA A 84 -39.00 -8.92 4.29
N LEU A 85 -38.11 -9.90 4.46
CA LEU A 85 -38.04 -10.70 5.69
C LEU A 85 -37.73 -9.84 6.94
N ASP A 86 -38.49 -10.08 8.00
CA ASP A 86 -38.26 -9.36 9.26
C ASP A 86 -37.99 -10.31 10.45
N GLY A 87 -38.18 -11.61 10.22
CA GLY A 87 -37.98 -12.65 11.23
C GLY A 87 -36.56 -12.60 11.76
N ARG A 88 -36.43 -12.86 13.05
CA ARG A 88 -35.14 -12.83 13.72
C ARG A 88 -34.22 -13.94 13.22
N GLY A 89 -34.76 -15.14 13.05
CA GLY A 89 -33.99 -16.25 12.48
C GLY A 89 -33.25 -15.85 11.20
N ASP A 90 -33.97 -15.22 10.28
CA ASP A 90 -33.42 -14.81 8.99
C ASP A 90 -32.38 -13.69 9.14
N ARG A 91 -32.61 -12.80 10.10
CA ARG A 91 -31.67 -11.73 10.38
C ARG A 91 -30.32 -12.32 10.81
N ILE A 92 -30.39 -13.30 11.70
CA ILE A 92 -29.19 -13.91 12.24
C ILE A 92 -28.46 -14.72 11.16
N GLN A 93 -29.21 -15.48 10.36
CA GLN A 93 -28.60 -16.23 9.26
C GLN A 93 -27.90 -15.28 8.29
N GLY A 94 -28.44 -14.07 8.15
CA GLY A 94 -27.85 -13.07 7.30
C GLY A 94 -26.55 -12.59 7.85
N LEU A 95 -26.52 -12.19 9.11
CA LEU A 95 -25.29 -11.64 9.68
C LEU A 95 -24.20 -12.70 9.82
N GLU A 96 -24.62 -13.93 10.10
CA GLU A 96 -23.66 -15.05 10.28
C GLU A 96 -23.00 -15.42 8.95
N SER A 97 -23.69 -15.13 7.84
CA SER A 97 -23.14 -15.42 6.51
C SER A 97 -22.27 -14.28 5.99
N GLY A 98 -22.07 -13.25 6.81
CA GLY A 98 -21.02 -12.26 6.56
C GLY A 98 -21.48 -10.87 6.19
N ALA A 99 -22.78 -10.62 6.24
CA ALA A 99 -23.30 -9.32 5.82
C ALA A 99 -22.96 -8.23 6.83
N SER A 100 -22.65 -7.02 6.35
CA SER A 100 -22.37 -5.86 7.22
C SER A 100 -23.62 -5.32 7.91
N ASP A 101 -24.75 -5.37 7.22
CA ASP A 101 -26.01 -5.03 7.87
C ASP A 101 -27.15 -5.72 7.23
N PHE A 102 -28.28 -5.67 7.91
CA PHE A 102 -29.49 -6.38 7.49
C PHE A 102 -30.66 -5.43 7.67
N LEU A 103 -31.20 -4.97 6.55
CA LEU A 103 -32.25 -3.96 6.56
C LEU A 103 -33.56 -4.56 6.10
N THR A 104 -34.64 -4.28 6.83
CA THR A 104 -35.94 -4.80 6.43
C THR A 104 -36.66 -3.73 5.61
N LYS A 105 -37.24 -4.15 4.48
CA LYS A 105 -38.04 -3.24 3.65
C LYS A 105 -39.36 -2.92 4.33
N PRO A 106 -39.88 -1.71 4.13
CA PRO A 106 -39.34 -0.63 3.29
C PRO A 106 -38.32 0.18 4.07
N ILE A 107 -37.19 0.45 3.43
CA ILE A 107 -36.02 0.95 4.17
C ILE A 107 -36.12 2.43 4.51
N ASP A 108 -35.54 2.80 5.64
CA ASP A 108 -35.36 4.21 5.97
C ASP A 108 -34.21 4.78 5.13
N ASP A 109 -34.54 5.72 4.24
CA ASP A 109 -33.54 6.33 3.34
C ASP A 109 -32.44 7.09 4.07
N VAL A 110 -32.81 7.86 5.09
CA VAL A 110 -31.85 8.66 5.86
C VAL A 110 -30.80 7.76 6.45
N MET A 111 -31.23 6.60 6.91
CA MET A 111 -30.35 5.59 7.52
C MET A 111 -29.48 4.90 6.50
N LEU A 112 -30.09 4.50 5.39
CA LEU A 112 -29.37 3.86 4.31
C LEU A 112 -28.20 4.72 3.89
N PHE A 113 -28.45 6.00 3.65
CA PHE A 113 -27.40 6.90 3.18
C PHE A 113 -26.33 7.14 4.19
N ALA A 114 -26.73 7.22 5.45
CA ALA A 114 -25.75 7.42 6.53
C ALA A 114 -24.86 6.20 6.57
N ARG A 115 -25.46 5.04 6.38
CA ARG A 115 -24.73 3.82 6.40
C ARG A 115 -23.80 3.68 5.20
N VAL A 116 -24.28 4.00 3.99
CA VAL A 116 -23.42 3.91 2.80
C VAL A 116 -22.24 4.86 2.95
N ARG A 117 -22.49 6.02 3.51
CA ARG A 117 -21.42 6.98 3.68
C ARG A 117 -20.43 6.50 4.71
N SER A 118 -20.93 5.78 5.71
CA SER A 118 -20.07 5.25 6.74
C SER A 118 -19.12 4.20 6.15
N LEU A 119 -19.66 3.30 5.34
CA LEU A 119 -18.86 2.25 4.74
C LEU A 119 -17.84 2.79 3.76
N THR A 120 -18.20 3.80 3.01
CA THR A 120 -17.26 4.33 2.03
C THR A 120 -16.13 5.05 2.75
N ARG A 121 -16.41 5.56 3.94
CA ARG A 121 -15.40 6.30 4.66
C ARG A 121 -14.32 5.38 5.28
N PHE A 122 -14.69 4.15 5.62
CA PHE A 122 -13.72 3.19 6.15
C PHE A 122 -12.95 2.59 4.99
N LYS A 123 -13.67 2.39 3.91
CA LYS A 123 -13.16 1.70 2.76
C LYS A 123 -12.04 2.51 2.13
N LEU A 124 -11.89 3.77 2.51
CA LEU A 124 -10.82 4.63 1.98
C LEU A 124 -9.47 4.17 2.47
N VAL A 125 -9.35 3.83 3.74
CA VAL A 125 -8.05 3.44 4.29
C VAL A 125 -7.76 2.01 3.92
N ILE A 126 -8.76 1.15 4.00
CA ILE A 126 -8.57 -0.25 3.68
C ILE A 126 -8.32 -0.36 2.18
N ASP A 127 -8.97 0.48 1.39
CA ASP A 127 -8.78 0.46 -0.06
C ASP A 127 -7.35 0.87 -0.48
N GLU A 128 -6.80 1.87 0.20
CA GLU A 128 -5.45 2.35 -0.09
C GLU A 128 -4.40 1.29 0.24
N LEU A 129 -4.57 0.63 1.39
CA LEU A 129 -3.70 -0.49 1.77
C LEU A 129 -3.87 -1.70 0.85
N ARG A 130 -5.09 -2.00 0.41
CA ARG A 130 -5.27 -3.06 -0.58
C ARG A 130 -4.52 -2.74 -1.85
N GLN A 131 -4.66 -1.51 -2.30
CA GLN A 131 -4.06 -1.06 -3.53
C GLN A 131 -2.53 -1.15 -3.52
N ARG A 132 -1.92 -0.75 -2.41
CA ARG A 132 -0.48 -0.91 -2.25
C ARG A 132 -0.10 -2.38 -2.24
N GLU A 133 -0.90 -3.21 -1.57
CA GLU A 133 -0.63 -4.65 -1.44
C GLU A 133 -0.79 -5.35 -2.77
N ALA A 134 -1.91 -5.11 -3.43
CA ALA A 134 -2.17 -5.76 -4.72
C ALA A 134 -1.06 -5.41 -5.72
N SER A 135 -0.52 -4.19 -5.63
CA SER A 135 0.60 -3.76 -6.45
C SER A 135 1.81 -4.66 -6.13
N GLY A 136 2.14 -4.71 -4.85
CA GLY A 136 3.16 -5.61 -4.36
C GLY A 136 3.06 -7.05 -4.85
N ARG A 137 1.86 -7.65 -4.84
CA ARG A 137 1.70 -9.04 -5.30
C ARG A 137 1.94 -9.16 -6.81
N ARG A 138 1.41 -8.20 -7.55
CA ARG A 138 1.59 -8.15 -8.99
C ARG A 138 3.09 -7.96 -9.32
N MET A 139 3.75 -6.98 -8.72
CA MET A 139 5.17 -6.83 -8.98
C MET A 139 6.04 -8.07 -8.60
N GLY A 140 5.49 -9.05 -7.86
CA GLY A 140 6.25 -10.27 -7.50
C GLY A 140 7.05 -10.22 -6.20
N VAL A 141 6.70 -9.34 -5.27
CA VAL A 141 7.29 -9.42 -3.94
C VAL A 141 6.36 -10.09 -2.90
N ILE A 142 5.25 -9.45 -2.60
CA ILE A 142 4.36 -9.90 -1.56
C ILE A 142 3.68 -11.20 -1.97
N ALA A 143 3.66 -12.16 -1.04
CA ALA A 143 2.80 -13.36 -1.13
C ALA A 143 2.05 -13.39 0.19
N GLY A 144 1.16 -14.37 0.35
CA GLY A 144 0.24 -14.40 1.50
C GLY A 144 -1.15 -14.92 1.16
N ALA A 145 -1.89 -15.29 2.21
CA ALA A 145 -3.25 -15.75 2.03
C ALA A 145 -4.12 -15.34 3.21
N ALA A 146 -4.76 -14.18 3.09
CA ALA A 146 -5.72 -13.67 4.08
C ALA A 146 -6.88 -14.63 4.46
N ALA A 147 -7.15 -15.64 3.64
CA ALA A 147 -8.07 -16.72 4.04
C ALA A 147 -7.82 -17.27 5.49
N ARG A 148 -6.63 -17.06 6.04
CA ARG A 148 -6.33 -17.51 7.42
C ARG A 148 -6.83 -16.56 8.48
N LEU A 149 -7.63 -15.58 8.12
CA LEU A 149 -8.05 -14.59 9.08
C LEU A 149 -9.39 -15.03 9.60
N ASP A 150 -9.63 -14.80 10.89
CA ASP A 150 -10.96 -15.06 11.47
C ASP A 150 -11.29 -14.05 12.55
N GLY A 151 -12.53 -14.10 13.02
CA GLY A 151 -13.00 -13.18 14.05
C GLY A 151 -13.17 -13.75 15.45
N LEU A 152 -12.79 -15.01 15.65
CA LEU A 152 -12.80 -15.62 16.99
C LEU A 152 -11.60 -15.20 17.83
N GLY A 153 -11.61 -15.54 19.12
CA GLY A 153 -10.57 -15.11 20.05
C GLY A 153 -10.90 -13.66 20.25
N GLY A 154 -9.93 -12.81 20.49
CA GLY A 154 -10.27 -11.39 20.43
C GLY A 154 -10.69 -10.82 21.77
N ARG A 155 -9.95 -9.79 22.16
CA ARG A 155 -10.15 -9.08 23.39
C ARG A 155 -11.17 -7.97 23.12
N VAL A 156 -12.27 -7.96 23.88
CA VAL A 156 -13.36 -7.03 23.64
C VAL A 156 -13.52 -6.14 24.84
N LEU A 157 -13.36 -4.83 24.65
CA LEU A 157 -13.45 -3.86 25.75
C LEU A 157 -14.85 -3.24 25.83
N ILE A 158 -15.56 -3.51 26.91
CA ILE A 158 -16.98 -3.12 27.00
C ILE A 158 -17.04 -1.84 27.80
N VAL A 159 -17.46 -0.74 27.20
CA VAL A 159 -17.44 0.52 27.94
C VAL A 159 -18.87 0.89 28.26
N ASP A 160 -19.37 0.44 29.42
CA ASP A 160 -20.77 0.69 29.76
C ASP A 160 -20.88 1.15 31.17
N ASP A 161 -21.92 1.93 31.42
CA ASP A 161 -22.22 2.45 32.76
C ASP A 161 -23.20 1.55 33.51
N ASN A 162 -24.12 0.94 32.77
CA ASN A 162 -25.13 0.06 33.32
C ASN A 162 -24.47 -1.29 33.54
N GLU A 163 -24.07 -1.55 34.78
CA GLU A 163 -23.33 -2.77 35.10
C GLU A 163 -24.03 -4.02 34.66
N ARG A 164 -25.34 -4.07 34.85
CA ARG A 164 -26.11 -5.29 34.61
C ARG A 164 -26.06 -5.68 33.14
N GLN A 165 -26.18 -4.68 32.26
CA GLN A 165 -26.12 -4.91 30.83
C GLN A 165 -24.73 -5.34 30.37
N ALA A 166 -23.70 -4.75 30.96
CA ALA A 166 -22.34 -5.10 30.59
C ALA A 166 -22.08 -6.56 30.92
N GLN A 167 -22.68 -7.03 32.00
CA GLN A 167 -22.50 -8.41 32.42
C GLN A 167 -23.21 -9.40 31.51
N ARG A 168 -24.41 -9.05 31.06
CA ARG A 168 -25.11 -9.88 30.12
C ARG A 168 -24.37 -9.94 28.80
N VAL A 169 -23.84 -8.78 28.36
CA VAL A 169 -22.96 -8.71 27.18
C VAL A 169 -21.73 -9.59 27.35
N ALA A 170 -20.88 -9.28 28.33
CA ALA A 170 -19.73 -10.13 28.67
C ALA A 170 -20.06 -11.60 28.89
N ALA A 171 -21.20 -11.89 29.48
CA ALA A 171 -21.63 -13.28 29.62
C ALA A 171 -21.63 -13.95 28.25
N GLU A 172 -22.33 -13.36 27.29
CA GLU A 172 -22.52 -13.99 25.99
C GLU A 172 -21.25 -14.07 25.16
N LEU A 173 -20.32 -13.16 25.36
CA LEU A 173 -19.08 -13.18 24.60
C LEU A 173 -18.08 -14.18 25.14
N GLY A 174 -18.31 -14.64 26.37
CA GLY A 174 -17.37 -15.44 27.13
C GLY A 174 -16.85 -16.71 26.49
N VAL A 175 -17.70 -17.43 25.77
CA VAL A 175 -17.24 -18.70 25.23
C VAL A 175 -16.26 -18.54 24.05
N GLU A 176 -16.42 -17.50 23.23
CA GLU A 176 -15.60 -17.34 22.01
C GLU A 176 -14.51 -16.24 22.08
N HIS A 177 -14.58 -15.38 23.08
CA HIS A 177 -13.70 -14.22 23.19
C HIS A 177 -13.22 -13.93 24.61
N ARG A 178 -12.44 -12.87 24.77
CA ARG A 178 -11.93 -12.51 26.07
C ARG A 178 -12.38 -11.10 26.46
N PRO A 179 -13.61 -10.97 26.97
CA PRO A 179 -14.16 -9.65 27.29
C PRO A 179 -13.72 -9.06 28.66
N VAL A 180 -13.71 -7.74 28.74
CA VAL A 180 -13.27 -6.98 29.91
C VAL A 180 -14.11 -5.72 30.05
N ILE A 181 -14.73 -5.56 31.21
CA ILE A 181 -15.66 -4.47 31.47
C ILE A 181 -14.90 -3.27 32.00
N GLU A 182 -15.42 -2.10 31.70
CA GLU A 182 -14.85 -0.89 32.19
C GLU A 182 -15.90 0.20 32.21
N SER A 183 -16.26 0.66 33.41
CA SER A 183 -17.34 1.66 33.60
C SER A 183 -16.84 3.08 33.80
N ASP A 184 -15.61 3.21 34.32
CA ASP A 184 -14.97 4.51 34.39
C ASP A 184 -14.52 4.86 32.99
N PRO A 185 -15.12 5.90 32.41
CA PRO A 185 -14.71 6.27 31.05
C PRO A 185 -13.26 6.76 30.97
N GLU A 186 -12.82 7.46 32.02
CA GLU A 186 -11.45 7.99 32.10
C GLU A 186 -10.41 6.87 32.00
N LYS A 187 -10.70 5.74 32.67
CA LYS A 187 -9.84 4.56 32.63
C LYS A 187 -10.02 3.83 31.29
N ALA A 188 -11.25 3.81 30.79
CA ALA A 188 -11.50 3.11 29.52
C ALA A 188 -10.73 3.72 28.34
N LYS A 189 -10.42 5.02 28.42
CA LYS A 189 -9.50 5.66 27.46
C LYS A 189 -8.10 5.03 27.54
N ILE A 190 -7.65 4.72 28.75
CA ILE A 190 -6.32 4.11 28.94
C ILE A 190 -6.30 2.68 28.38
N SER A 191 -7.18 1.83 28.89
CA SER A 191 -7.31 0.44 28.44
C SER A 191 -7.45 0.32 26.94
N ALA A 192 -8.25 1.22 26.35
CA ALA A 192 -8.41 1.31 24.89
C ALA A 192 -7.07 1.34 24.16
N GLY A 193 -6.10 2.02 24.77
CA GLY A 193 -4.74 2.17 24.22
C GLY A 193 -3.89 0.92 24.18
N GLY A 194 -4.20 -0.05 25.05
CA GLY A 194 -3.46 -1.32 25.11
C GLY A 194 -3.81 -2.26 23.95
N PRO A 195 -3.58 -3.58 24.13
CA PRO A 195 -3.94 -4.62 23.15
C PRO A 195 -5.43 -4.99 23.15
N VAL A 196 -6.26 -4.14 22.55
CA VAL A 196 -7.71 -4.33 22.47
C VAL A 196 -8.08 -4.49 21.02
N ASP A 197 -9.02 -5.39 20.74
CA ASP A 197 -9.44 -5.68 19.39
C ASP A 197 -10.75 -5.01 19.03
N LEU A 198 -11.57 -4.69 20.01
CA LEU A 198 -12.88 -4.09 19.75
C LEU A 198 -13.42 -3.45 20.99
N VAL A 199 -14.04 -2.29 20.83
CA VAL A 199 -14.68 -1.60 21.92
C VAL A 199 -16.17 -1.64 21.77
N ILE A 200 -16.89 -2.11 22.77
CA ILE A 200 -18.35 -2.01 22.76
C ILE A 200 -18.80 -0.90 23.67
N VAL A 201 -19.46 0.11 23.14
CA VAL A 201 -19.89 1.25 23.95
C VAL A 201 -21.38 1.37 24.09
N ASN A 202 -21.79 1.85 25.26
CA ASN A 202 -23.20 2.15 25.49
C ASN A 202 -23.47 3.62 25.16
N ALA A 203 -24.17 3.82 24.05
CA ALA A 203 -24.54 5.14 23.58
C ALA A 203 -25.57 5.78 24.49
N ALA A 204 -26.36 4.93 25.16
CA ALA A 204 -27.45 5.40 26.03
C ALA A 204 -27.04 5.38 27.49
N ALA A 205 -25.77 5.65 27.76
CA ALA A 205 -25.23 5.59 29.11
C ALA A 205 -25.84 6.71 29.90
N LYS A 206 -25.85 6.57 31.23
CA LYS A 206 -26.45 7.57 32.11
C LYS A 206 -25.39 8.51 32.72
N ASN A 207 -24.20 7.99 33.06
CA ASN A 207 -23.15 8.83 33.68
C ASN A 207 -22.07 9.44 32.78
N PHE A 208 -22.16 9.16 31.48
CA PHE A 208 -21.31 9.80 30.47
C PHE A 208 -21.93 9.71 29.08
N ASP A 209 -21.36 10.44 28.13
CA ASP A 209 -21.88 10.45 26.76
C ASP A 209 -21.13 9.44 25.88
N GLY A 210 -21.75 8.29 25.70
CA GLY A 210 -21.18 7.25 24.84
C GLY A 210 -20.53 7.79 23.57
N LEU A 211 -21.27 8.64 22.85
CA LEU A 211 -20.80 9.15 21.53
C LEU A 211 -19.61 10.07 21.67
N ARG A 212 -19.67 10.91 22.69
CA ARG A 212 -18.59 11.80 22.98
C ARG A 212 -17.35 10.96 23.18
N PHE A 213 -17.44 9.99 24.08
CA PHE A 213 -16.30 9.11 24.37
C PHE A 213 -15.74 8.45 23.10
N THR A 214 -16.61 7.99 22.22
CA THR A 214 -16.16 7.41 20.96
C THR A 214 -15.46 8.42 20.06
N ALA A 215 -15.98 9.63 20.03
CA ALA A 215 -15.35 10.70 19.29
C ALA A 215 -13.94 10.89 19.80
N ALA A 216 -13.78 10.92 21.13
CA ALA A 216 -12.46 11.09 21.75
C ALA A 216 -11.46 10.04 21.26
N LEU A 217 -11.90 8.78 21.15
CA LEU A 217 -11.04 7.72 20.59
C LEU A 217 -10.63 7.99 19.14
N ARG A 218 -11.60 8.39 18.33
CA ARG A 218 -11.32 8.70 16.93
C ARG A 218 -10.38 9.88 16.82
N SER A 219 -10.57 10.88 17.69
CA SER A 219 -9.75 12.09 17.65
C SER A 219 -8.29 11.72 17.92
N GLU A 220 -8.08 10.88 18.93
CA GLU A 220 -6.74 10.48 19.36
C GLU A 220 -6.12 9.56 18.31
N GLU A 221 -4.85 9.84 17.97
CA GLU A 221 -4.20 9.20 16.82
C GLU A 221 -4.01 7.71 17.04
N ARG A 222 -3.62 7.34 18.26
CA ARG A 222 -3.25 5.95 18.61
C ARG A 222 -4.39 4.90 18.48
N THR A 223 -5.64 5.37 18.59
CA THR A 223 -6.83 4.50 18.64
C THR A 223 -7.78 4.71 17.44
N ARG A 224 -7.46 5.64 16.56
CA ARG A 224 -8.37 6.04 15.47
C ARG A 224 -8.89 4.90 14.55
N GLN A 225 -8.08 3.86 14.38
CA GLN A 225 -8.47 2.68 13.60
C GLN A 225 -9.19 1.61 14.39
N LEU A 226 -9.15 1.68 15.72
CA LEU A 226 -9.84 0.73 16.61
C LEU A 226 -11.34 0.62 16.30
N PRO A 227 -11.83 -0.58 16.06
CA PRO A 227 -13.26 -0.73 15.85
C PRO A 227 -14.11 -0.46 17.09
N VAL A 228 -15.18 0.29 16.89
CA VAL A 228 -16.15 0.56 17.94
C VAL A 228 -17.53 0.13 17.51
N LEU A 229 -18.25 -0.46 18.45
CA LEU A 229 -19.59 -1.02 18.24
C LEU A 229 -20.58 -0.38 19.22
N ALA A 230 -21.58 0.36 18.77
CA ALA A 230 -22.37 1.16 19.71
C ALA A 230 -23.70 0.49 20.04
N MET A 231 -24.08 0.47 21.32
CA MET A 231 -25.40 0.00 21.69
C MET A 231 -26.32 1.22 21.75
N VAL A 232 -27.38 1.19 20.94
CA VAL A 232 -28.21 2.37 20.74
C VAL A 232 -29.67 2.07 20.97
N ASP A 233 -30.40 3.09 21.42
CA ASP A 233 -31.86 3.02 21.55
C ASP A 233 -32.51 2.95 20.16
N PRO A 234 -33.23 1.86 19.84
CA PRO A 234 -33.73 1.66 18.46
C PRO A 234 -34.74 2.69 18.00
N ASP A 235 -35.49 3.27 18.94
CA ASP A 235 -36.54 4.26 18.63
C ASP A 235 -35.99 5.69 18.60
N ASP A 236 -34.69 5.86 18.26
CA ASP A 236 -34.04 7.19 18.23
C ASP A 236 -33.11 7.26 17.02
N ARG A 237 -33.67 7.62 15.89
CA ARG A 237 -32.95 7.53 14.64
C ARG A 237 -31.83 8.57 14.58
N GLY A 238 -32.12 9.79 15.05
CA GLY A 238 -31.18 10.90 14.98
C GLY A 238 -29.88 10.61 15.70
N ARG A 239 -29.95 9.80 16.73
CA ARG A 239 -28.74 9.46 17.50
C ARG A 239 -27.94 8.33 16.86
N MET A 240 -28.61 7.46 16.11
CA MET A 240 -27.95 6.44 15.31
C MET A 240 -27.13 7.08 14.20
N VAL A 241 -27.78 7.96 13.45
CA VAL A 241 -27.15 8.69 12.37
C VAL A 241 -25.95 9.45 12.90
N LYS A 242 -26.11 10.12 14.03
CA LYS A 242 -24.98 10.79 14.65
C LYS A 242 -23.85 9.82 14.94
N ALA A 243 -24.20 8.64 15.40
CA ALA A 243 -23.21 7.68 15.76
C ALA A 243 -22.40 7.30 14.53
N LEU A 244 -23.08 6.95 13.44
CA LEU A 244 -22.39 6.59 12.21
C LEU A 244 -21.51 7.73 11.68
N GLU A 245 -21.96 8.96 11.89
CA GLU A 245 -21.21 10.11 11.43
C GLU A 245 -19.95 10.38 12.25
N ILE A 246 -19.94 10.11 13.55
CA ILE A 246 -18.71 10.34 14.34
C ILE A 246 -17.66 9.25 14.14
N GLY A 247 -18.11 8.10 13.65
CA GLY A 247 -17.18 7.06 13.21
C GLY A 247 -17.38 5.69 13.85
N VAL A 248 -18.60 5.40 14.28
CA VAL A 248 -18.90 4.08 14.83
C VAL A 248 -18.92 3.00 13.75
N ASN A 249 -18.26 1.87 13.99
CA ASN A 249 -18.19 0.84 12.97
C ASN A 249 -19.49 0.11 12.78
N ASP A 250 -20.24 -0.08 13.85
CA ASP A 250 -21.50 -0.80 13.72
C ASP A 250 -22.42 -0.56 14.92
N ILE A 251 -23.69 -0.75 14.69
CA ILE A 251 -24.69 -0.35 15.65
C ILE A 251 -25.53 -1.51 16.11
N LEU A 252 -25.71 -1.61 17.42
CA LEU A 252 -26.56 -2.63 18.01
C LEU A 252 -27.73 -1.99 18.70
N SER A 253 -28.90 -2.51 18.41
CA SER A 253 -30.10 -2.04 19.07
C SER A 253 -30.28 -2.69 20.43
N ARG A 254 -30.74 -1.88 21.39
CA ARG A 254 -31.20 -2.39 22.68
C ARG A 254 -32.65 -2.83 22.50
N PRO A 255 -33.08 -3.92 23.14
CA PRO A 255 -32.30 -4.81 24.00
C PRO A 255 -31.45 -5.70 23.15
N ILE A 256 -30.35 -6.19 23.75
CA ILE A 256 -29.28 -6.88 23.03
C ILE A 256 -29.61 -8.35 22.77
N ASP A 257 -29.84 -8.67 21.50
CA ASP A 257 -29.91 -10.05 21.02
C ASP A 257 -28.51 -10.67 21.05
N PRO A 258 -28.35 -11.80 21.77
CA PRO A 258 -27.03 -12.42 21.94
C PRO A 258 -26.43 -12.92 20.66
N GLN A 259 -27.24 -13.50 19.79
CA GLN A 259 -26.70 -14.11 18.57
C GLN A 259 -26.29 -13.08 17.54
N GLU A 260 -27.09 -12.03 17.46
CA GLU A 260 -26.79 -10.92 16.63
C GLU A 260 -25.49 -10.38 17.16
N LEU A 261 -25.36 -10.36 18.49
CA LEU A 261 -24.20 -9.80 19.13
C LEU A 261 -22.95 -10.56 18.72
N SER A 262 -23.03 -11.88 18.78
CA SER A 262 -21.92 -12.74 18.37
C SER A 262 -21.54 -12.43 16.93
N ALA A 263 -22.50 -12.62 16.02
CA ALA A 263 -22.27 -12.45 14.60
C ALA A 263 -21.62 -11.12 14.29
N ARG A 264 -22.16 -10.05 14.83
CA ARG A 264 -21.61 -8.75 14.49
C ARG A 264 -20.21 -8.55 15.05
N VAL A 265 -19.94 -9.11 16.22
CA VAL A 265 -18.60 -8.98 16.81
C VAL A 265 -17.60 -9.78 16.02
N LYS A 266 -18.01 -10.94 15.54
CA LYS A 266 -17.13 -11.72 14.68
C LYS A 266 -16.70 -10.85 13.50
N THR A 267 -17.67 -10.33 12.76
CA THR A 267 -17.39 -9.54 11.57
C THR A 267 -16.42 -8.39 11.84
N GLN A 268 -16.65 -7.64 12.89
CA GLN A 268 -15.79 -6.51 13.15
C GLN A 268 -14.34 -6.91 13.52
N ILE A 269 -14.14 -8.07 14.15
CA ILE A 269 -12.81 -8.51 14.50
C ILE A 269 -12.07 -9.03 13.29
N GLN A 270 -12.76 -9.80 12.46
CA GLN A 270 -12.18 -10.28 11.22
C GLN A 270 -11.71 -9.12 10.34
N ARG A 271 -12.48 -8.07 10.36
CA ARG A 271 -12.16 -6.89 9.61
C ARG A 271 -10.91 -6.25 10.17
N LYS A 272 -10.87 -6.08 11.49
CA LYS A 272 -9.74 -5.43 12.10
C LYS A 272 -8.49 -6.23 11.82
N ARG A 273 -8.59 -7.54 11.95
CA ARG A 273 -7.48 -8.42 11.65
C ARG A 273 -7.06 -8.31 10.18
N TYR A 274 -8.03 -8.20 9.27
CA TYR A 274 -7.74 -8.06 7.85
C TYR A 274 -6.86 -6.85 7.56
N THR A 275 -7.13 -5.75 8.26
CA THR A 275 -6.41 -4.52 8.07
C THR A 275 -5.00 -4.71 8.58
N ASP A 276 -4.87 -5.29 9.76
CA ASP A 276 -3.57 -5.50 10.36
C ASP A 276 -2.72 -6.39 9.47
N TYR A 277 -3.35 -7.36 8.85
CA TYR A 277 -2.65 -8.27 7.94
C TYR A 277 -2.06 -7.52 6.78
N LEU A 278 -2.76 -6.52 6.27
CA LEU A 278 -2.27 -5.74 5.14
C LEU A 278 -1.14 -4.85 5.60
N ARG A 279 -1.31 -4.19 6.75
CA ARG A 279 -0.24 -3.34 7.24
C ARG A 279 1.06 -4.14 7.41
N ASN A 280 0.93 -5.33 7.98
CA ASN A 280 2.07 -6.16 8.28
C ASN A 280 2.68 -6.82 7.04
N ASN A 281 1.92 -7.00 5.97
CA ASN A 281 2.53 -7.43 4.71
C ASN A 281 3.40 -6.31 4.19
N LEU A 282 2.83 -5.12 4.11
CA LEU A 282 3.55 -4.03 3.53
C LEU A 282 4.75 -3.69 4.38
N ASP A 283 4.79 -4.11 5.65
CA ASP A 283 5.92 -3.78 6.50
C ASP A 283 6.97 -4.86 6.46
N HIS A 284 6.53 -6.08 6.68
CA HIS A 284 7.45 -7.20 6.75
C HIS A 284 8.16 -7.38 5.42
N SER A 285 7.52 -7.03 4.32
CA SER A 285 8.17 -7.15 3.01
C SER A 285 9.34 -6.19 2.79
N LEU A 286 9.31 -5.07 3.52
CA LEU A 286 10.36 -4.07 3.47
C LEU A 286 11.60 -4.48 4.25
N GLU A 287 11.55 -5.56 5.01
CA GLU A 287 12.74 -5.96 5.77
C GLU A 287 13.78 -6.56 4.83
N LEU A 288 15.00 -6.59 5.32
CA LEU A 288 16.14 -6.63 4.45
C LEU A 288 17.06 -7.66 5.03
N ALA A 289 16.88 -8.89 4.56
CA ALA A 289 17.69 -10.01 5.00
C ALA A 289 19.04 -9.96 4.31
N VAL A 290 18.99 -10.09 3.00
CA VAL A 290 20.12 -10.54 2.21
C VAL A 290 20.79 -9.42 1.39
N THR A 291 20.20 -8.22 1.38
CA THR A 291 20.76 -7.12 0.58
C THR A 291 21.24 -6.01 1.47
N ASP A 292 21.97 -5.10 0.87
CA ASP A 292 22.58 -3.99 1.53
C ASP A 292 21.58 -2.89 1.36
N GLN A 293 21.35 -2.08 2.38
CA GLN A 293 20.24 -1.11 2.33
C GLN A 293 20.56 0.05 1.42
N LEU A 294 21.73 0.62 1.60
CA LEU A 294 22.09 1.79 0.80
C LEU A 294 22.11 1.47 -0.70
N THR A 295 22.87 0.45 -1.11
CA THR A 295 23.15 0.20 -2.52
C THR A 295 22.19 -0.74 -3.17
N GLY A 296 21.57 -1.61 -2.39
CA GLY A 296 20.66 -2.61 -2.96
C GLY A 296 21.35 -3.87 -3.45
N LEU A 297 22.68 -3.88 -3.47
CA LEU A 297 23.45 -5.08 -3.81
C LEU A 297 23.32 -6.07 -2.67
N HIS A 298 23.68 -7.32 -2.92
CA HIS A 298 23.70 -8.32 -1.87
C HIS A 298 24.74 -7.98 -0.83
N ASN A 299 24.52 -8.38 0.42
CA ASN A 299 25.48 -8.09 1.49
C ASN A 299 26.59 -9.14 1.58
N ARG A 300 27.57 -8.89 2.42
CA ARG A 300 28.74 -9.72 2.57
C ARG A 300 28.44 -11.11 3.02
N ARG A 301 27.51 -11.23 3.96
CA ARG A 301 27.09 -12.52 4.45
C ARG A 301 26.60 -13.39 3.32
N TYR A 302 25.67 -12.88 2.50
CA TYR A 302 25.13 -13.69 1.41
C TYR A 302 26.20 -14.10 0.43
N MET A 303 27.05 -13.15 0.06
CA MET A 303 28.11 -13.43 -0.87
C MET A 303 29.02 -14.56 -0.41
N THR A 304 29.40 -14.56 0.87
CA THR A 304 30.36 -15.57 1.33
C THR A 304 29.73 -16.98 1.35
N GLY A 305 28.47 -17.06 1.73
CA GLY A 305 27.70 -18.30 1.61
C GLY A 305 27.73 -18.85 0.20
N GLN A 306 27.60 -17.99 -0.82
CA GLN A 306 27.56 -18.46 -2.20
C GLN A 306 28.96 -18.76 -2.67
N LEU A 307 29.90 -17.91 -2.28
CA LEU A 307 31.31 -18.12 -2.59
C LEU A 307 31.87 -19.40 -2.00
N ASP A 308 31.32 -19.88 -0.90
CA ASP A 308 31.78 -21.16 -0.34
C ASP A 308 31.37 -22.33 -1.22
N SER A 309 30.11 -22.36 -1.63
CA SER A 309 29.63 -23.47 -2.45
C SER A 309 30.28 -23.48 -3.83
N LEU A 310 30.51 -22.29 -4.39
CA LEU A 310 31.08 -22.18 -5.73
C LEU A 310 32.51 -22.68 -5.72
N VAL A 311 33.29 -22.22 -4.75
CA VAL A 311 34.68 -22.58 -4.66
C VAL A 311 34.88 -24.06 -4.34
N LYS A 312 34.02 -24.61 -3.49
CA LYS A 312 34.10 -26.02 -3.17
C LYS A 312 33.96 -26.80 -4.45
N ARG A 313 32.90 -26.52 -5.20
CA ARG A 313 32.62 -27.24 -6.45
C ARG A 313 33.77 -27.12 -7.43
N ALA A 314 34.45 -25.98 -7.42
CA ALA A 314 35.63 -25.76 -8.25
C ALA A 314 36.75 -26.71 -7.91
N THR A 315 37.04 -26.83 -6.60
CA THR A 315 38.15 -27.62 -6.13
C THR A 315 37.96 -29.12 -6.37
N LEU A 316 36.72 -29.56 -6.40
CA LEU A 316 36.45 -30.96 -6.67
C LEU A 316 36.35 -31.19 -8.16
N GLY A 317 36.89 -30.28 -8.97
CA GLY A 317 36.89 -30.45 -10.43
C GLY A 317 35.58 -29.98 -11.00
N GLY A 318 35.64 -29.00 -11.88
CA GLY A 318 34.45 -28.24 -12.14
C GLY A 318 34.80 -26.79 -12.28
N ASP A 319 33.76 -25.99 -12.48
CA ASP A 319 33.88 -24.63 -13.00
C ASP A 319 34.74 -23.73 -12.11
N PRO A 320 35.77 -23.11 -12.69
CA PRO A 320 36.51 -22.13 -11.92
C PRO A 320 35.68 -20.89 -11.59
N VAL A 321 36.07 -20.19 -10.54
CA VAL A 321 35.36 -19.03 -10.11
C VAL A 321 36.35 -17.95 -10.00
N SER A 322 35.98 -16.73 -10.38
CA SER A 322 36.83 -15.57 -10.15
C SER A 322 36.17 -14.57 -9.23
N ALA A 323 37.02 -13.76 -8.60
CA ALA A 323 36.59 -12.71 -7.72
C ALA A 323 37.29 -11.43 -8.05
N LEU A 324 36.51 -10.37 -8.13
CA LEU A 324 37.01 -9.01 -8.19
C LEU A 324 36.87 -8.34 -6.83
N LEU A 325 37.89 -7.63 -6.40
CA LEU A 325 37.79 -6.84 -5.21
C LEU A 325 38.08 -5.37 -5.51
N ILE A 326 37.07 -4.51 -5.30
CA ILE A 326 37.12 -3.13 -5.76
C ILE A 326 37.11 -2.18 -4.58
N ASP A 327 38.05 -1.24 -4.55
CA ASP A 327 38.17 -0.28 -3.44
C ASP A 327 38.18 1.13 -4.02
N ILE A 328 37.25 1.96 -3.56
CA ILE A 328 37.14 3.31 -4.05
C ILE A 328 38.27 4.18 -3.53
N ASP A 329 38.91 4.91 -4.44
CA ASP A 329 40.09 5.66 -4.11
C ASP A 329 39.72 6.94 -3.38
N PHE A 330 40.49 7.25 -2.34
CA PHE A 330 40.37 8.52 -1.61
C PHE A 330 38.97 8.79 -1.08
N PHE A 331 38.28 7.73 -0.69
CA PHE A 331 36.88 7.85 -0.30
C PHE A 331 36.65 8.64 1.00
N LYS A 332 37.70 8.82 1.79
CA LYS A 332 37.57 9.68 2.97
C LYS A 332 37.58 11.15 2.58
N LYS A 333 38.58 11.54 1.79
CA LYS A 333 38.69 12.92 1.33
C LYS A 333 37.34 13.39 0.80
N ILE A 334 36.61 12.49 0.16
CA ILE A 334 35.26 12.79 -0.26
C ILE A 334 34.38 13.06 0.96
N ASN A 335 34.27 12.09 1.84
CA ASN A 335 33.45 12.24 3.04
C ASN A 335 33.86 13.44 3.86
N ASP A 336 35.16 13.73 3.88
CA ASP A 336 35.67 14.84 4.66
C ASP A 336 35.35 16.17 4.02
N THR A 337 35.53 16.26 2.72
CA THR A 337 35.32 17.51 2.00
C THR A 337 33.84 17.79 1.84
N PHE A 338 33.10 16.86 1.27
CA PHE A 338 31.70 17.12 0.90
C PHE A 338 30.65 16.57 1.89
N GLY A 339 31.09 15.83 2.89
CA GLY A 339 30.18 15.28 3.90
C GLY A 339 29.73 13.88 3.56
N HIS A 340 29.26 13.14 4.57
CA HIS A 340 28.89 11.74 4.35
C HIS A 340 27.63 11.54 3.53
N ASP A 341 26.85 12.60 3.35
CA ASP A 341 25.60 12.50 2.60
C ASP A 341 25.90 12.31 1.12
N ILE A 342 26.92 13.00 0.64
CA ILE A 342 27.37 12.88 -0.74
C ILE A 342 28.22 11.62 -0.95
N GLY A 343 29.01 11.26 0.06
CA GLY A 343 29.65 9.98 0.11
C GLY A 343 28.68 8.82 -0.08
N ASP A 344 27.52 8.89 0.57
CA ASP A 344 26.48 7.85 0.36
C ASP A 344 25.99 7.83 -1.12
N GLU A 345 25.92 8.98 -1.75
CA GLU A 345 25.50 9.08 -3.16
C GLU A 345 26.55 8.58 -4.15
N VAL A 346 27.82 8.82 -3.84
CA VAL A 346 28.88 8.22 -4.61
C VAL A 346 28.77 6.69 -4.61
N LEU A 347 28.52 6.08 -3.47
CA LEU A 347 28.45 4.62 -3.38
C LEU A 347 27.22 4.09 -4.08
N ARG A 348 26.19 4.88 -4.08
CA ARG A 348 24.90 4.46 -4.58
C ARG A 348 24.91 4.46 -6.09
N GLU A 349 25.56 5.47 -6.64
CA GLU A 349 25.71 5.56 -8.08
C GLU A 349 26.67 4.49 -8.58
N PHE A 350 27.82 4.41 -7.94
CA PHE A 350 28.80 3.43 -8.30
C PHE A 350 28.19 2.04 -8.34
N ALA A 351 27.38 1.73 -7.34
CA ALA A 351 26.69 0.44 -7.27
C ALA A 351 25.86 0.17 -8.52
N LEU A 352 25.25 1.19 -9.07
CA LEU A 352 24.41 1.01 -10.25
C LEU A 352 25.24 0.90 -11.52
N ARG A 353 26.38 1.59 -11.57
CA ARG A 353 27.31 1.41 -12.69
C ARG A 353 27.95 0.03 -12.72
N LEU A 354 28.14 -0.55 -11.55
CA LEU A 354 28.70 -1.87 -11.43
C LEU A 354 27.71 -2.90 -11.88
N ALA A 355 26.54 -2.91 -11.26
CA ALA A 355 25.50 -3.88 -11.54
C ALA A 355 25.12 -3.96 -13.05
N SER A 356 25.12 -2.83 -13.74
CA SER A 356 24.71 -2.83 -15.13
C SER A 356 25.83 -3.12 -16.14
N ASN A 357 27.08 -3.18 -15.70
CA ASN A 357 28.18 -3.51 -16.61
C ASN A 357 28.79 -4.89 -16.47
N VAL A 358 27.98 -5.83 -16.01
CA VAL A 358 28.42 -7.13 -15.59
C VAL A 358 27.22 -8.02 -15.82
N ARG A 359 27.44 -9.28 -16.16
CA ARG A 359 26.34 -10.16 -16.50
C ARG A 359 25.55 -10.51 -15.29
N ALA A 360 24.33 -10.98 -15.50
CA ALA A 360 23.38 -11.20 -14.42
C ALA A 360 23.79 -12.38 -13.59
N ILE A 361 24.47 -13.34 -14.22
CA ILE A 361 24.96 -14.52 -13.52
C ILE A 361 26.10 -14.20 -12.58
N ASP A 362 26.72 -13.05 -12.75
CA ASP A 362 27.71 -12.57 -11.81
C ASP A 362 27.01 -12.13 -10.54
N LEU A 363 27.79 -11.94 -9.49
CA LEU A 363 27.25 -11.62 -8.17
C LEU A 363 27.98 -10.46 -7.53
N PRO A 364 27.52 -9.25 -7.79
CA PRO A 364 28.16 -8.07 -7.23
C PRO A 364 27.64 -7.82 -5.82
N CYS A 365 28.52 -7.46 -4.89
CA CYS A 365 28.08 -7.15 -3.54
C CYS A 365 28.91 -6.11 -2.78
N ARG A 366 28.26 -5.57 -1.74
CA ARG A 366 28.86 -4.61 -0.84
C ARG A 366 29.63 -5.45 0.13
N TYR A 367 30.94 -5.28 0.13
CA TYR A 367 31.83 -6.13 0.92
C TYR A 367 32.14 -5.46 2.25
N GLY A 368 32.59 -4.22 2.16
CA GLY A 368 32.90 -3.41 3.32
C GLY A 368 32.52 -1.97 3.10
N GLY A 369 32.88 -1.12 4.06
CA GLY A 369 32.57 0.30 4.00
C GLY A 369 32.67 0.93 2.63
N GLU A 370 33.88 0.92 2.06
CA GLU A 370 34.16 1.46 0.72
C GLU A 370 34.61 0.37 -0.25
N GLU A 371 34.32 -0.89 0.04
CA GLU A 371 34.81 -2.02 -0.77
C GLU A 371 33.64 -2.79 -1.32
N PHE A 372 33.81 -3.31 -2.53
CA PHE A 372 32.82 -4.15 -3.20
C PHE A 372 33.50 -5.35 -3.75
N VAL A 373 32.75 -6.40 -3.95
CA VAL A 373 33.30 -7.63 -4.51
C VAL A 373 32.40 -8.13 -5.58
N VAL A 374 32.94 -8.57 -6.72
CA VAL A 374 32.11 -9.26 -7.72
C VAL A 374 32.58 -10.67 -7.83
N ILE A 375 31.65 -11.60 -7.83
CA ILE A 375 31.93 -13.01 -8.01
C ILE A 375 31.49 -13.46 -9.40
N MET A 376 32.40 -14.08 -10.13
CA MET A 376 32.15 -14.47 -11.51
C MET A 376 32.27 -15.96 -11.67
N PRO A 377 31.16 -16.67 -11.62
CA PRO A 377 31.26 -18.08 -11.87
C PRO A 377 31.76 -18.38 -13.26
N ASP A 378 32.30 -19.58 -13.42
CA ASP A 378 32.81 -20.12 -14.69
C ASP A 378 33.71 -19.14 -15.45
N THR A 379 34.64 -18.54 -14.72
CA THR A 379 35.53 -17.50 -15.24
C THR A 379 36.96 -17.67 -14.71
N ALA A 380 37.90 -17.78 -15.64
CA ALA A 380 39.30 -17.94 -15.33
C ALA A 380 39.94 -16.57 -15.26
N LEU A 381 41.21 -16.51 -14.87
CA LEU A 381 41.88 -15.25 -14.50
C LEU A 381 41.98 -14.22 -15.64
N ALA A 382 42.23 -14.68 -16.87
CA ALA A 382 42.36 -13.76 -18.03
C ALA A 382 41.08 -12.95 -18.28
N ASP A 383 39.96 -13.66 -18.39
CA ASP A 383 38.65 -13.03 -18.54
C ASP A 383 38.26 -12.12 -17.37
N ALA A 384 38.68 -12.48 -16.17
CA ALA A 384 38.41 -11.67 -15.00
C ALA A 384 39.19 -10.36 -15.06
N LEU A 385 40.42 -10.40 -15.59
CA LEU A 385 41.26 -9.20 -15.72
C LEU A 385 40.66 -8.22 -16.74
N ARG A 386 40.02 -8.80 -17.74
CA ARG A 386 39.42 -8.06 -18.82
C ARG A 386 38.13 -7.42 -18.38
N ILE A 387 37.31 -8.19 -17.68
CA ILE A 387 36.14 -7.65 -17.01
C ILE A 387 36.49 -6.51 -16.06
N ALA A 388 37.58 -6.66 -15.31
CA ALA A 388 38.00 -5.67 -14.32
C ALA A 388 38.36 -4.36 -14.99
N GLU A 389 39.15 -4.46 -16.04
CA GLU A 389 39.63 -3.32 -16.78
C GLU A 389 38.46 -2.57 -17.37
N ARG A 390 37.51 -3.32 -17.88
CA ARG A 390 36.30 -2.74 -18.39
C ARG A 390 35.63 -1.89 -17.30
N ILE A 391 35.39 -2.48 -16.12
CA ILE A 391 34.71 -1.74 -15.06
C ILE A 391 35.50 -0.50 -14.66
N ARG A 392 36.81 -0.61 -14.61
CA ARG A 392 37.64 0.49 -14.20
C ARG A 392 37.42 1.71 -15.08
N MET A 393 37.41 1.46 -16.39
CA MET A 393 37.35 2.55 -17.34
C MET A 393 35.98 3.20 -17.28
N HIS A 394 34.97 2.42 -17.05
CA HIS A 394 33.69 3.05 -16.76
C HIS A 394 33.55 3.97 -15.60
N VAL A 395 34.27 3.75 -14.53
CA VAL A 395 34.03 4.64 -13.43
C VAL A 395 34.88 5.88 -13.66
N SER A 396 36.07 5.68 -14.16
CA SER A 396 36.97 6.81 -14.40
C SER A 396 36.60 7.58 -15.67
N GLY A 397 35.84 6.96 -16.56
CA GLY A 397 35.62 7.49 -17.89
C GLY A 397 34.66 8.65 -17.97
N SER A 398 33.66 8.65 -17.08
CA SER A 398 32.76 9.78 -16.97
C SER A 398 32.52 10.13 -15.51
N PRO A 399 32.36 11.41 -15.22
CA PRO A 399 32.20 11.87 -13.86
C PRO A 399 30.85 11.55 -13.22
N PHE A 400 30.82 11.67 -11.91
CA PHE A 400 29.67 11.28 -11.08
C PHE A 400 28.82 12.49 -10.72
N THR A 401 27.51 12.36 -10.84
CA THR A 401 26.57 13.39 -10.37
C THR A 401 26.43 13.42 -8.85
N VAL A 402 26.31 14.60 -8.28
CA VAL A 402 26.25 14.73 -6.84
C VAL A 402 25.60 16.07 -6.46
N ALA A 403 25.29 16.24 -5.16
CA ALA A 403 24.67 17.48 -4.64
C ALA A 403 23.40 17.85 -5.38
N HIS A 404 22.46 16.91 -5.45
CA HIS A 404 21.18 17.16 -6.11
C HIS A 404 21.36 17.45 -7.59
N GLY A 405 22.26 16.69 -8.22
CA GLY A 405 22.56 16.89 -9.65
C GLY A 405 23.20 18.21 -10.03
N ARG A 406 23.84 18.88 -9.06
CA ARG A 406 24.38 20.24 -9.25
C ARG A 406 25.90 20.27 -9.23
N GLU A 407 26.54 19.19 -8.81
CA GLU A 407 27.99 19.09 -8.80
C GLU A 407 28.48 17.82 -9.49
N MET A 408 29.66 17.93 -10.10
CA MET A 408 30.30 16.80 -10.78
C MET A 408 31.59 16.45 -10.08
N LEU A 409 31.84 15.17 -9.99
CA LEU A 409 32.92 14.66 -9.19
C LEU A 409 33.58 13.47 -9.88
N ASN A 410 34.91 13.42 -9.82
CA ASN A 410 35.69 12.34 -10.44
C ASN A 410 35.96 11.26 -9.44
N VAL A 411 35.83 10.00 -9.84
CA VAL A 411 36.00 8.90 -8.90
C VAL A 411 36.78 7.79 -9.55
N THR A 412 37.85 7.37 -8.90
CA THR A 412 38.59 6.22 -9.43
C THR A 412 38.49 5.07 -8.48
N ILE A 413 38.70 3.88 -9.01
CA ILE A 413 38.75 2.68 -8.19
C ILE A 413 40.03 1.94 -8.43
N SER A 414 40.44 1.18 -7.43
CA SER A 414 41.53 0.24 -7.62
C SER A 414 40.96 -1.13 -7.48
N ILE A 415 41.39 -2.06 -8.31
CA ILE A 415 40.78 -3.39 -8.32
C ILE A 415 41.82 -4.46 -8.18
N GLY A 416 41.49 -5.51 -7.45
CA GLY A 416 42.33 -6.70 -7.30
C GLY A 416 41.60 -7.92 -7.84
N VAL A 417 42.28 -8.76 -8.58
CA VAL A 417 41.62 -9.86 -9.27
C VAL A 417 42.20 -11.22 -8.90
N SER A 418 41.36 -12.23 -8.80
CA SER A 418 41.82 -13.52 -8.38
C SER A 418 40.99 -14.64 -8.93
N ALA A 419 41.52 -15.85 -8.93
CA ALA A 419 40.79 -16.98 -9.46
C ALA A 419 41.13 -18.29 -8.79
N THR A 420 40.15 -19.17 -8.61
CA THR A 420 40.42 -20.45 -7.97
C THR A 420 41.56 -21.17 -8.66
N ALA A 421 42.31 -21.96 -7.89
CA ALA A 421 43.63 -22.50 -8.30
C ALA A 421 43.95 -23.86 -7.66
N GLY A 422 43.22 -24.90 -8.06
CA GLY A 422 43.55 -26.27 -7.64
C GLY A 422 42.86 -26.78 -6.38
N GLU A 423 43.04 -28.08 -6.14
CA GLU A 423 42.20 -28.82 -5.20
C GLU A 423 42.42 -28.48 -3.73
N GLY A 424 43.30 -27.53 -3.42
CA GLY A 424 43.54 -27.16 -2.04
C GLY A 424 43.20 -25.72 -1.79
N ASP A 425 42.41 -25.12 -2.68
CA ASP A 425 42.15 -23.71 -2.58
C ASP A 425 40.93 -23.52 -1.71
N THR A 426 40.82 -22.30 -1.20
CA THR A 426 39.73 -21.91 -0.28
C THR A 426 39.30 -20.50 -0.60
N PRO A 427 38.09 -20.14 -0.16
CA PRO A 427 37.55 -18.80 -0.34
C PRO A 427 38.42 -17.81 0.39
N GLU A 428 38.84 -18.19 1.59
CA GLU A 428 39.71 -17.37 2.35
C GLU A 428 40.92 -17.04 1.48
N ALA A 429 41.56 -18.07 0.91
CA ALA A 429 42.78 -17.88 0.09
C ALA A 429 42.50 -17.00 -1.13
N LEU A 430 41.36 -17.24 -1.76
CA LEU A 430 40.94 -16.43 -2.89
C LEU A 430 40.83 -14.94 -2.57
N LEU A 431 40.15 -14.60 -1.48
CA LEU A 431 39.98 -13.20 -1.13
C LEU A 431 41.28 -12.55 -0.67
N LYS A 432 42.11 -13.29 0.03
CA LYS A 432 43.37 -12.74 0.44
C LYS A 432 44.28 -12.48 -0.79
N ARG A 433 44.12 -13.28 -1.82
CA ARG A 433 44.83 -13.04 -3.06
C ARG A 433 44.33 -11.79 -3.76
N ALA A 434 43.04 -11.53 -3.65
CA ALA A 434 42.51 -10.27 -4.18
C ALA A 434 42.93 -9.08 -3.32
N ASP A 435 43.02 -9.27 -2.00
CA ASP A 435 43.51 -8.19 -1.13
C ASP A 435 44.91 -7.74 -1.52
N GLU A 436 45.73 -8.68 -1.96
CA GLU A 436 47.12 -8.36 -2.33
C GLU A 436 47.08 -7.55 -3.61
N GLY A 437 46.22 -7.98 -4.52
CA GLY A 437 45.98 -7.22 -5.75
C GLY A 437 45.67 -5.78 -5.47
N VAL A 438 44.70 -5.55 -4.60
CA VAL A 438 44.25 -4.21 -4.28
C VAL A 438 45.37 -3.40 -3.71
N TYR A 439 46.14 -4.02 -2.81
CA TYR A 439 47.22 -3.32 -2.17
C TYR A 439 48.24 -2.92 -3.20
N GLN A 440 48.53 -3.81 -4.14
CA GLN A 440 49.52 -3.52 -5.19
C GLN A 440 49.04 -2.40 -6.11
N ALA A 441 47.80 -2.48 -6.57
CA ALA A 441 47.21 -1.41 -7.37
C ALA A 441 47.30 -0.03 -6.73
N LYS A 442 47.01 0.06 -5.45
CA LYS A 442 47.13 1.35 -4.76
C LYS A 442 48.58 1.85 -4.63
N ALA A 443 49.54 0.93 -4.62
CA ALA A 443 50.93 1.33 -4.53
C ALA A 443 51.46 1.87 -5.86
N SER A 444 50.90 1.35 -6.95
CA SER A 444 51.31 1.74 -8.30
C SER A 444 50.95 3.18 -8.71
N GLY A 445 50.27 3.90 -7.84
CA GLY A 445 49.45 5.06 -8.22
C GLY A 445 48.10 4.50 -7.82
N ARG A 446 47.01 4.87 -8.46
CA ARG A 446 45.74 4.27 -8.08
C ARG A 446 45.07 4.01 -9.39
N ASN A 447 43.78 3.69 -9.42
CA ASN A 447 43.08 3.60 -10.69
C ASN A 447 43.74 2.57 -11.61
N ALA A 448 43.95 1.37 -11.09
CA ALA A 448 44.65 0.27 -11.78
C ALA A 448 44.05 -1.08 -11.38
N VAL A 449 44.23 -2.06 -12.26
CA VAL A 449 43.77 -3.42 -12.04
C VAL A 449 45.00 -4.25 -11.85
N VAL A 450 45.04 -5.07 -10.81
CA VAL A 450 46.19 -5.95 -10.60
C VAL A 450 45.67 -7.31 -10.26
N GLY A 451 46.03 -8.28 -11.07
CA GLY A 451 45.66 -9.67 -10.81
C GLY A 451 46.77 -10.41 -10.05
N LYS A 452 46.39 -11.41 -9.26
CA LYS A 452 47.35 -12.24 -8.52
C LYS A 452 46.96 -13.70 -8.65
N ALA A 453 47.87 -14.51 -9.17
CA ALA A 453 47.66 -15.96 -9.25
C ALA A 453 48.21 -16.64 -8.00
N ALA A 454 47.67 -17.83 -7.70
CA ALA A 454 48.16 -18.66 -6.60
C ALA A 454 49.50 -19.26 -6.91
N HIS A 455 50.34 -19.42 -5.89
CA HIS A 455 51.69 -19.99 -6.07
C HIS A 455 52.01 -20.96 -4.95
N HIS A 456 52.25 -22.22 -5.32
CA HIS A 456 52.96 -23.15 -4.45
C HIS A 456 54.45 -22.81 -4.34
N HIS A 457 55.09 -23.19 -3.23
CA HIS A 457 56.54 -22.99 -3.08
C HIS A 457 57.28 -24.08 -3.85
N HIS A 458 58.58 -23.89 -4.13
CA HIS A 458 59.41 -24.93 -4.82
C HIS A 458 59.30 -26.29 -4.11
N HIS A 459 59.20 -26.28 -2.79
CA HIS A 459 58.90 -27.50 -2.01
C HIS A 459 58.68 -27.15 -0.52
N SER B 2 -13.78 13.40 16.64
CA SER B 2 -13.47 12.81 15.30
C SER B 2 -12.25 13.50 14.67
N ALA B 3 -11.87 14.64 15.22
CA ALA B 3 -10.66 15.35 14.78
C ALA B 3 -10.17 16.25 15.89
N ARG B 4 -8.88 16.52 15.88
CA ARG B 4 -8.33 17.46 16.82
C ARG B 4 -8.16 18.75 16.06
N ILE B 5 -8.81 19.81 16.56
CA ILE B 5 -8.78 21.12 15.93
C ILE B 5 -8.16 22.13 16.87
N LEU B 6 -7.23 22.91 16.33
CA LEU B 6 -6.57 23.96 17.08
C LEU B 6 -7.07 25.35 16.64
N VAL B 7 -7.69 26.06 17.59
CA VAL B 7 -8.31 27.35 17.34
C VAL B 7 -7.41 28.45 17.89
N VAL B 8 -7.15 29.45 17.06
CA VAL B 8 -6.26 30.53 17.40
C VAL B 8 -6.95 31.86 17.10
N ASP B 9 -6.95 32.76 18.08
CA ASP B 9 -7.62 34.08 17.97
C ASP B 9 -7.30 34.89 19.20
N ASP B 10 -7.05 36.20 19.03
CA ASP B 10 -6.68 37.07 20.15
C ASP B 10 -7.84 37.55 21.04
N ILE B 11 -9.07 37.47 20.57
CA ILE B 11 -10.23 37.84 21.39
C ILE B 11 -10.86 36.57 21.95
N GLU B 12 -10.97 36.52 23.27
CA GLU B 12 -11.39 35.30 23.96
C GLU B 12 -12.83 35.00 23.62
N ALA B 13 -13.63 36.02 23.44
CA ALA B 13 -15.00 35.80 23.06
C ALA B 13 -15.05 34.96 21.76
N ASN B 14 -14.16 35.25 20.82
CA ASN B 14 -14.16 34.52 19.57
C ASN B 14 -13.82 33.06 19.76
N VAL B 15 -12.78 32.79 20.56
CA VAL B 15 -12.30 31.43 20.80
C VAL B 15 -13.38 30.59 21.49
N ARG B 16 -13.90 31.10 22.60
CA ARG B 16 -14.98 30.42 23.31
C ARG B 16 -16.14 30.04 22.40
N LEU B 17 -16.61 30.97 21.58
CA LEU B 17 -17.74 30.70 20.66
C LEU B 17 -17.45 29.56 19.68
N LEU B 18 -16.32 29.67 18.99
CA LEU B 18 -15.94 28.69 18.01
C LEU B 18 -15.75 27.33 18.67
N GLU B 19 -15.05 27.33 19.80
CA GLU B 19 -14.83 26.13 20.59
C GLU B 19 -16.17 25.46 20.85
N ALA B 20 -17.14 26.23 21.36
CA ALA B 20 -18.47 25.68 21.65
C ALA B 20 -19.07 25.00 20.43
N LYS B 21 -19.04 25.67 19.28
CA LYS B 21 -19.69 25.11 18.12
C LYS B 21 -19.06 23.80 17.75
N LEU B 22 -17.73 23.75 17.84
CA LEU B 22 -16.95 22.60 17.42
C LEU B 22 -17.09 21.40 18.36
N THR B 23 -17.00 21.66 19.67
CA THR B 23 -17.16 20.61 20.67
C THR B 23 -18.58 20.13 20.65
N ALA B 24 -19.52 20.94 20.21
CA ALA B 24 -20.90 20.49 20.06
C ALA B 24 -21.07 19.46 18.94
N GLU B 25 -20.21 19.51 17.92
CA GLU B 25 -20.20 18.48 16.86
C GLU B 25 -19.13 17.40 17.10
N TYR B 26 -18.58 17.36 18.32
CA TYR B 26 -17.77 16.24 18.82
C TYR B 26 -16.30 16.22 18.41
N TYR B 27 -15.77 17.39 18.07
CA TYR B 27 -14.34 17.54 17.86
C TYR B 27 -13.62 17.81 19.17
N GLU B 28 -12.36 17.40 19.25
CA GLU B 28 -11.50 17.70 20.38
C GLU B 28 -10.77 19.00 20.13
N VAL B 29 -11.19 20.04 20.84
CA VAL B 29 -10.71 21.38 20.57
C VAL B 29 -9.68 21.85 21.59
N SER B 30 -8.61 22.47 21.08
CA SER B 30 -7.57 23.11 21.87
C SER B 30 -7.44 24.54 21.37
N THR B 31 -6.89 25.41 22.20
CA THR B 31 -6.90 26.86 21.89
C THR B 31 -5.58 27.58 22.18
N ALA B 32 -5.43 28.78 21.60
CA ALA B 32 -4.23 29.61 21.75
C ALA B 32 -4.59 31.07 21.49
N MET B 33 -4.04 31.98 22.27
CA MET B 33 -4.43 33.38 22.17
C MET B 33 -3.42 34.26 21.40
N ASP B 34 -2.35 33.66 20.88
CA ASP B 34 -1.38 34.40 20.07
C ASP B 34 -0.54 33.50 19.16
N GLY B 35 0.38 34.11 18.43
CA GLY B 35 1.14 33.44 17.39
C GLY B 35 2.19 32.46 17.88
N PRO B 36 3.10 32.95 18.71
CA PRO B 36 4.13 32.13 19.34
C PRO B 36 3.59 30.89 20.07
N THR B 37 2.57 31.09 20.89
CA THR B 37 1.91 29.97 21.56
C THR B 37 1.36 28.98 20.57
N ALA B 38 0.80 29.50 19.50
CA ALA B 38 0.11 28.69 18.52
C ALA B 38 1.10 27.80 17.76
N LEU B 39 2.24 28.39 17.38
CA LEU B 39 3.33 27.64 16.76
C LEU B 39 3.80 26.49 17.67
N ALA B 40 4.06 26.84 18.94
CA ALA B 40 4.50 25.87 19.92
C ALA B 40 3.50 24.70 20.03
N MET B 41 2.22 25.02 20.25
CA MET B 41 1.20 23.97 20.37
C MET B 41 1.12 23.07 19.14
N ALA B 42 1.20 23.67 17.95
CA ALA B 42 1.09 22.89 16.73
C ALA B 42 2.26 21.91 16.61
N ALA B 43 3.48 22.43 16.80
CA ALA B 43 4.71 21.61 16.83
C ALA B 43 4.54 20.43 17.80
N ARG B 44 4.02 20.72 18.99
CA ARG B 44 3.90 19.71 20.03
C ARG B 44 2.76 18.68 19.87
N ASP B 45 1.57 19.13 19.48
CA ASP B 45 0.37 18.29 19.57
C ASP B 45 -0.08 17.72 18.21
N LEU B 46 0.45 18.25 17.10
CA LEU B 46 0.08 17.80 15.73
C LEU B 46 -1.43 17.73 15.44
N PRO B 47 -2.13 18.87 15.51
CA PRO B 47 -3.56 18.87 15.26
C PRO B 47 -3.89 18.46 13.85
N ASP B 48 -5.10 17.97 13.67
CA ASP B 48 -5.56 17.59 12.36
C ASP B 48 -5.81 18.82 11.52
N ILE B 49 -6.35 19.87 12.15
CA ILE B 49 -6.73 21.09 11.46
C ILE B 49 -6.40 22.27 12.33
N ILE B 50 -6.02 23.38 11.68
CA ILE B 50 -5.80 24.65 12.37
C ILE B 50 -6.70 25.77 11.84
N LEU B 51 -7.43 26.41 12.77
CA LEU B 51 -8.33 27.52 12.44
C LEU B 51 -7.69 28.77 13.00
N LEU B 52 -7.46 29.78 12.18
CA LEU B 52 -6.49 30.84 12.51
C LEU B 52 -6.98 32.28 12.24
N ASP B 53 -7.00 33.12 13.28
CA ASP B 53 -7.29 34.56 13.11
C ASP B 53 -6.17 35.16 12.31
N VAL B 54 -6.39 36.31 11.70
CA VAL B 54 -5.32 36.99 10.98
C VAL B 54 -4.74 38.15 11.79
N MET B 55 -5.61 39.01 12.27
CA MET B 55 -5.17 40.18 13.01
C MET B 55 -5.04 39.91 14.51
N MET B 56 -3.82 40.11 14.99
CA MET B 56 -3.42 39.81 16.35
C MET B 56 -2.19 40.63 16.63
N PRO B 57 -2.04 41.07 17.87
CA PRO B 57 -0.81 41.77 18.24
C PRO B 57 0.47 40.91 18.13
N GLY B 58 1.57 41.56 17.78
CA GLY B 58 2.82 40.85 17.54
C GLY B 58 2.77 40.12 16.21
N MET B 59 3.15 38.85 16.23
CA MET B 59 3.05 37.98 15.06
C MET B 59 1.58 37.84 14.58
N ASP B 60 1.34 38.15 13.31
CA ASP B 60 0.00 38.00 12.74
C ASP B 60 -0.18 36.65 12.05
N GLY B 61 -1.41 36.37 11.61
CA GLY B 61 -1.77 35.07 11.06
C GLY B 61 -1.04 34.68 9.77
N PHE B 62 -0.68 35.65 8.94
CA PHE B 62 0.00 35.34 7.70
C PHE B 62 1.42 34.83 7.94
N THR B 63 2.07 35.37 8.96
CA THR B 63 3.37 34.92 9.38
C THR B 63 3.27 33.56 10.08
N VAL B 64 2.29 33.44 10.95
CA VAL B 64 2.13 32.19 11.65
C VAL B 64 2.00 31.12 10.59
N CYS B 65 1.17 31.40 9.61
CA CYS B 65 0.85 30.44 8.56
C CYS B 65 2.03 30.15 7.62
N ARG B 66 2.86 31.15 7.40
CA ARG B 66 4.07 30.93 6.61
C ARG B 66 5.00 30.00 7.34
N LYS B 67 5.18 30.28 8.62
CA LYS B 67 6.04 29.45 9.48
C LYS B 67 5.52 28.02 9.60
N LEU B 68 4.21 27.84 9.60
CA LEU B 68 3.66 26.47 9.72
C LEU B 68 4.07 25.66 8.52
N LYS B 69 4.09 26.32 7.37
CA LYS B 69 4.38 25.62 6.13
C LYS B 69 5.89 25.44 5.90
N ASP B 70 6.68 26.35 6.45
CA ASP B 70 8.14 26.22 6.33
C ASP B 70 8.78 25.23 7.33
N ASP B 71 8.00 24.63 8.23
CA ASP B 71 8.53 23.56 9.12
C ASP B 71 8.03 22.18 8.66
N PRO B 72 8.95 21.22 8.42
CA PRO B 72 8.52 19.89 7.96
C PRO B 72 7.51 19.18 8.87
N THR B 73 7.58 19.42 10.17
CA THR B 73 6.67 18.75 11.11
C THR B 73 5.22 19.16 10.93
N THR B 74 4.99 20.45 10.67
CA THR B 74 3.65 21.03 10.64
C THR B 74 3.13 21.26 9.22
N ARG B 75 4.04 21.22 8.26
CA ARG B 75 3.79 21.47 6.85
C ARG B 75 2.53 20.81 6.32
N HIS B 76 2.28 19.59 6.76
CA HIS B 76 1.15 18.81 6.27
C HIS B 76 -0.23 19.24 6.85
N ILE B 77 -0.24 20.09 7.88
CA ILE B 77 -1.50 20.43 8.54
C ILE B 77 -2.27 21.49 7.78
N PRO B 78 -3.51 21.18 7.37
CA PRO B 78 -4.34 22.16 6.68
C PRO B 78 -4.66 23.33 7.58
N VAL B 79 -4.47 24.53 7.06
CA VAL B 79 -4.82 25.74 7.80
C VAL B 79 -6.01 26.47 7.15
N VAL B 80 -6.93 26.91 8.01
CA VAL B 80 -8.03 27.73 7.57
C VAL B 80 -7.97 29.08 8.27
N LEU B 81 -7.87 30.14 7.47
CA LEU B 81 -7.86 31.49 8.01
C LEU B 81 -9.32 31.94 8.22
N ILE B 82 -9.56 32.50 9.39
CA ILE B 82 -10.87 33.00 9.76
C ILE B 82 -10.68 34.40 10.29
N THR B 83 -11.22 35.39 9.60
CA THR B 83 -10.76 36.73 9.79
C THR B 83 -11.87 37.75 9.54
N ALA B 84 -11.79 38.88 10.22
CA ALA B 84 -12.69 40.00 9.97
C ALA B 84 -12.43 40.67 8.62
N LEU B 85 -11.19 40.54 8.13
CA LEU B 85 -10.79 41.11 6.83
C LEU B 85 -11.62 40.54 5.69
N ASP B 86 -12.03 41.40 4.77
CA ASP B 86 -12.78 40.96 3.58
C ASP B 86 -12.14 41.42 2.29
N GLY B 87 -11.14 42.27 2.39
CA GLY B 87 -10.46 42.82 1.23
C GLY B 87 -9.86 41.72 0.37
N ARG B 88 -9.88 41.91 -0.93
CA ARG B 88 -9.34 40.93 -1.87
C ARG B 88 -7.83 40.76 -1.72
N GLY B 89 -7.12 41.88 -1.57
CA GLY B 89 -5.69 41.85 -1.30
C GLY B 89 -5.32 40.88 -0.19
N ASP B 90 -6.02 40.98 0.94
CA ASP B 90 -5.78 40.13 2.13
C ASP B 90 -6.14 38.65 1.84
N ARG B 91 -7.20 38.44 1.09
CA ARG B 91 -7.59 37.08 0.75
C ARG B 91 -6.48 36.40 -0.04
N ILE B 92 -5.90 37.12 -1.00
CA ILE B 92 -4.87 36.57 -1.86
C ILE B 92 -3.57 36.35 -1.10
N GLN B 93 -3.20 37.30 -0.24
CA GLN B 93 -2.01 37.13 0.59
C GLN B 93 -2.14 35.87 1.46
N GLY B 94 -3.35 35.61 1.93
CA GLY B 94 -3.65 34.42 2.71
C GLY B 94 -3.42 33.12 1.96
N LEU B 95 -4.05 32.99 0.81
CA LEU B 95 -3.97 31.74 0.04
C LEU B 95 -2.56 31.53 -0.54
N GLU B 96 -1.87 32.63 -0.86
CA GLU B 96 -0.51 32.56 -1.40
C GLU B 96 0.44 32.07 -0.30
N SER B 97 0.10 32.36 0.96
CA SER B 97 0.94 31.96 2.10
C SER B 97 0.61 30.55 2.59
N GLY B 98 -0.26 29.87 1.87
CA GLY B 98 -0.42 28.42 2.01
C GLY B 98 -1.68 27.94 2.70
N ALA B 99 -2.64 28.82 2.93
CA ALA B 99 -3.87 28.40 3.61
C ALA B 99 -4.82 27.67 2.67
N SER B 100 -5.49 26.65 3.20
CA SER B 100 -6.45 25.85 2.42
C SER B 100 -7.70 26.63 2.11
N ASP B 101 -8.12 27.48 3.06
CA ASP B 101 -9.23 28.36 2.79
C ASP B 101 -9.19 29.63 3.59
N PHE B 102 -9.99 30.57 3.19
CA PHE B 102 -9.98 31.90 3.78
C PHE B 102 -11.43 32.33 3.95
N LEU B 103 -11.87 32.38 5.19
CA LEU B 103 -13.28 32.62 5.52
C LEU B 103 -13.47 33.97 6.20
N THR B 104 -14.44 34.74 5.76
CA THR B 104 -14.65 36.07 6.34
C THR B 104 -15.71 36.06 7.40
N LYS B 105 -15.40 36.57 8.57
CA LYS B 105 -16.35 36.57 9.66
C LYS B 105 -17.52 37.50 9.30
N PRO B 106 -18.72 37.13 9.72
CA PRO B 106 -19.08 36.01 10.56
C PRO B 106 -19.33 34.79 9.69
N ILE B 107 -18.83 33.65 10.13
CA ILE B 107 -18.75 32.53 9.22
C ILE B 107 -20.10 31.83 9.08
N ASP B 108 -20.29 31.21 7.93
CA ASP B 108 -21.42 30.30 7.73
C ASP B 108 -21.07 28.94 8.36
N ASP B 109 -21.79 28.55 9.41
CA ASP B 109 -21.52 27.29 10.12
C ASP B 109 -21.65 26.06 9.21
N VAL B 110 -22.74 26.03 8.44
CA VAL B 110 -23.00 24.88 7.59
C VAL B 110 -21.79 24.63 6.69
N MET B 111 -21.20 25.72 6.24
CA MET B 111 -20.10 25.66 5.33
C MET B 111 -18.82 25.21 6.04
N LEU B 112 -18.57 25.80 7.20
CA LEU B 112 -17.41 25.45 7.96
C LEU B 112 -17.38 23.95 8.20
N PHE B 113 -18.48 23.38 8.66
CA PHE B 113 -18.51 21.96 8.97
C PHE B 113 -18.34 21.09 7.76
N ALA B 114 -18.95 21.51 6.66
CA ALA B 114 -18.83 20.76 5.42
C ALA B 114 -17.34 20.70 5.06
N ARG B 115 -16.71 21.85 5.22
CA ARG B 115 -15.32 22.00 4.92
C ARG B 115 -14.43 21.21 5.87
N VAL B 116 -14.70 21.27 7.16
CA VAL B 116 -13.88 20.48 8.10
C VAL B 116 -14.02 18.99 7.78
N ARG B 117 -15.22 18.57 7.45
CA ARG B 117 -15.45 17.16 7.19
C ARG B 117 -14.72 16.75 5.93
N SER B 118 -14.64 17.66 4.98
CA SER B 118 -13.97 17.40 3.71
C SER B 118 -12.50 17.19 3.95
N LEU B 119 -11.89 18.07 4.73
CA LEU B 119 -10.47 18.01 5.01
C LEU B 119 -10.08 16.78 5.80
N THR B 120 -10.93 16.38 6.75
CA THR B 120 -10.61 15.18 7.53
C THR B 120 -10.76 13.92 6.67
N ARG B 121 -11.60 13.97 5.66
CA ARG B 121 -11.78 12.81 4.79
C ARG B 121 -10.55 12.55 3.89
N PHE B 122 -9.86 13.62 3.51
CA PHE B 122 -8.69 13.50 2.64
C PHE B 122 -7.52 13.17 3.50
N LYS B 123 -7.55 13.66 4.73
CA LYS B 123 -6.44 13.49 5.66
C LYS B 123 -6.31 12.05 6.14
N LEU B 124 -7.35 11.27 5.94
CA LEU B 124 -7.30 9.86 6.25
C LEU B 124 -6.22 9.18 5.38
N VAL B 125 -6.26 9.37 4.06
CA VAL B 125 -5.38 8.61 3.18
C VAL B 125 -3.94 9.07 3.33
N ILE B 126 -3.70 10.38 3.40
CA ILE B 126 -2.34 10.90 3.61
C ILE B 126 -1.73 10.39 4.91
N ASP B 127 -2.50 10.41 6.00
CA ASP B 127 -1.95 10.06 7.32
C ASP B 127 -1.52 8.60 7.44
N GLU B 128 -2.24 7.71 6.75
CA GLU B 128 -1.89 6.29 6.76
C GLU B 128 -0.65 6.02 5.91
N LEU B 129 -0.46 6.79 4.85
CA LEU B 129 0.76 6.68 4.06
C LEU B 129 1.98 7.13 4.84
N ARG B 130 1.82 8.18 5.66
CA ARG B 130 2.91 8.72 6.47
C ARG B 130 3.31 7.79 7.59
N GLN B 131 2.37 6.97 7.99
CA GLN B 131 2.60 5.89 8.94
C GLN B 131 3.37 4.78 8.26
N ARG B 132 2.89 4.31 7.10
CA ARG B 132 3.60 3.26 6.36
C ARG B 132 5.07 3.62 6.06
N GLU B 133 5.34 4.87 5.66
CA GLU B 133 6.70 5.35 5.37
C GLU B 133 7.49 5.34 6.67
N ALA B 134 6.87 5.90 7.72
CA ALA B 134 7.40 5.86 9.09
C ALA B 134 7.95 4.50 9.54
N SER B 135 7.47 3.41 8.94
CA SER B 135 8.06 2.06 9.14
C SER B 135 9.18 1.74 8.12
N GLY B 136 10.34 2.37 8.27
CA GLY B 136 11.45 2.19 7.33
C GLY B 136 12.35 3.39 7.36
N LEU B 149 9.39 20.12 -1.95
CA LEU B 149 8.54 19.90 -3.14
C LEU B 149 7.61 21.08 -3.50
N ASP B 150 7.29 21.18 -4.79
CA ASP B 150 6.76 22.43 -5.39
C ASP B 150 5.43 22.23 -6.14
N GLY B 151 4.73 23.33 -6.38
CA GLY B 151 3.43 23.31 -7.05
C GLY B 151 3.35 23.97 -8.42
N LEU B 152 4.48 24.34 -9.00
CA LEU B 152 4.46 24.93 -10.35
C LEU B 152 4.65 23.83 -11.41
N GLY B 153 4.33 24.16 -12.66
CA GLY B 153 4.33 23.17 -13.74
C GLY B 153 3.08 22.31 -13.65
N GLY B 154 3.08 21.18 -14.33
CA GLY B 154 1.96 20.27 -14.13
C GLY B 154 0.74 20.60 -14.96
N ARG B 155 0.03 19.56 -15.38
CA ARG B 155 -0.89 19.63 -16.49
C ARG B 155 -2.29 19.77 -15.94
N VAL B 156 -3.07 20.67 -16.50
CA VAL B 156 -4.34 21.01 -15.89
C VAL B 156 -5.44 20.95 -16.93
N LEU B 157 -6.31 19.98 -16.77
CA LEU B 157 -7.40 19.82 -17.73
C LEU B 157 -8.60 20.70 -17.33
N ILE B 158 -9.26 21.30 -18.32
CA ILE B 158 -10.29 22.27 -18.05
C ILE B 158 -11.61 21.84 -18.68
N VAL B 159 -12.57 21.47 -17.85
CA VAL B 159 -13.83 20.95 -18.35
C VAL B 159 -14.93 21.97 -18.19
N ASP B 160 -15.00 22.89 -19.15
CA ASP B 160 -16.02 23.95 -19.18
C ASP B 160 -16.59 24.12 -20.60
N ASP B 161 -17.90 24.35 -20.69
CA ASP B 161 -18.52 24.61 -22.00
C ASP B 161 -18.77 26.11 -22.20
N ASN B 162 -18.28 26.94 -21.28
CA ASN B 162 -18.23 28.39 -21.45
C ASN B 162 -16.88 28.73 -22.05
N GLU B 163 -16.84 28.85 -23.39
CA GLU B 163 -15.61 29.07 -24.17
C GLU B 163 -14.75 30.17 -23.58
N ARG B 164 -15.32 31.37 -23.51
CA ARG B 164 -14.61 32.57 -23.07
C ARG B 164 -13.99 32.43 -21.68
N GLN B 165 -14.79 31.98 -20.72
CA GLN B 165 -14.31 31.80 -19.36
C GLN B 165 -13.27 30.68 -19.29
N ALA B 166 -13.49 29.62 -20.07
CA ALA B 166 -12.49 28.57 -20.23
C ALA B 166 -11.13 29.09 -20.72
N GLN B 167 -11.16 30.12 -21.57
CA GLN B 167 -9.93 30.66 -22.15
C GLN B 167 -9.12 31.50 -21.17
N ARG B 168 -9.78 32.22 -20.27
CA ARG B 168 -9.07 33.06 -19.30
C ARG B 168 -8.42 32.20 -18.27
N VAL B 169 -9.12 31.16 -17.85
CA VAL B 169 -8.54 30.19 -16.94
C VAL B 169 -7.31 29.62 -17.61
N ALA B 170 -7.43 29.28 -18.89
CA ALA B 170 -6.32 28.67 -19.63
C ALA B 170 -5.19 29.66 -19.84
N ALA B 171 -5.55 30.91 -20.08
CA ALA B 171 -4.58 32.01 -20.21
C ALA B 171 -3.79 32.22 -18.94
N GLU B 172 -4.50 32.31 -17.81
CA GLU B 172 -3.89 32.57 -16.51
C GLU B 172 -2.95 31.43 -16.12
N LEU B 173 -3.46 30.20 -16.12
CA LEU B 173 -2.63 29.06 -15.77
C LEU B 173 -1.42 28.92 -16.69
N GLY B 174 -1.60 29.31 -17.96
CA GLY B 174 -0.60 29.09 -19.02
C GLY B 174 0.82 29.55 -18.71
N VAL B 175 0.93 30.59 -17.89
CA VAL B 175 2.21 31.18 -17.58
C VAL B 175 3.12 30.22 -16.81
N GLU B 176 2.57 29.52 -15.81
CA GLU B 176 3.36 28.58 -14.96
C GLU B 176 2.98 27.08 -15.05
N HIS B 177 1.94 26.75 -15.82
CA HIS B 177 1.44 25.37 -15.93
C HIS B 177 1.22 25.01 -17.39
N ARG B 178 0.61 23.87 -17.64
CA ARG B 178 0.35 23.38 -19.00
C ARG B 178 -1.14 23.04 -19.12
N PRO B 179 -1.98 24.05 -19.39
CA PRO B 179 -3.44 23.85 -19.44
C PRO B 179 -3.99 23.24 -20.73
N VAL B 180 -5.04 22.42 -20.60
CA VAL B 180 -5.69 21.78 -21.76
C VAL B 180 -7.21 21.79 -21.60
N ILE B 181 -7.90 22.35 -22.59
CA ILE B 181 -9.35 22.50 -22.54
C ILE B 181 -10.03 21.28 -23.13
N GLU B 182 -11.21 20.96 -22.62
CA GLU B 182 -12.02 19.87 -23.14
C GLU B 182 -13.44 20.12 -22.71
N SER B 183 -14.37 20.23 -23.65
CA SER B 183 -15.77 20.55 -23.32
C SER B 183 -16.65 19.31 -23.33
N ASP B 184 -16.34 18.41 -24.25
CA ASP B 184 -17.02 17.13 -24.34
C ASP B 184 -16.68 16.34 -23.06
N PRO B 185 -17.68 16.08 -22.22
CA PRO B 185 -17.43 15.37 -20.96
C PRO B 185 -17.01 13.91 -21.19
N GLU B 186 -17.58 13.27 -22.19
CA GLU B 186 -17.22 11.88 -22.51
C GLU B 186 -15.72 11.70 -22.79
N LYS B 187 -15.13 12.66 -23.50
CA LYS B 187 -13.69 12.64 -23.80
C LYS B 187 -12.88 13.07 -22.57
N ALA B 188 -13.44 13.95 -21.77
CA ALA B 188 -12.78 14.42 -20.57
C ALA B 188 -12.60 13.29 -19.56
N LYS B 189 -13.47 12.29 -19.58
CA LYS B 189 -13.28 11.07 -18.76
C LYS B 189 -12.04 10.28 -19.20
N ILE B 190 -11.78 10.28 -20.50
CA ILE B 190 -10.61 9.59 -21.03
C ILE B 190 -9.30 10.32 -20.67
N SER B 191 -9.23 11.61 -21.03
CA SER B 191 -8.06 12.45 -20.74
C SER B 191 -7.72 12.50 -19.25
N ALA B 192 -8.75 12.57 -18.41
CA ALA B 192 -8.58 12.45 -16.97
C ALA B 192 -7.72 11.23 -16.59
N GLY B 193 -7.90 10.12 -17.30
CA GLY B 193 -7.12 8.90 -17.05
C GLY B 193 -5.63 8.92 -17.38
N GLY B 194 -5.22 9.84 -18.27
CA GLY B 194 -3.79 10.00 -18.63
C GLY B 194 -2.97 10.73 -17.54
N PRO B 195 -1.83 11.35 -17.94
CA PRO B 195 -0.98 12.14 -17.03
C PRO B 195 -1.50 13.57 -16.81
N VAL B 196 -2.47 13.69 -15.92
CA VAL B 196 -3.08 14.95 -15.54
C VAL B 196 -2.81 15.14 -14.06
N ASP B 197 -2.54 16.37 -13.68
CA ASP B 197 -2.24 16.68 -12.30
C ASP B 197 -3.44 17.23 -11.56
N LEU B 198 -4.33 17.92 -12.28
CA LEU B 198 -5.47 18.58 -11.67
C LEU B 198 -6.55 18.75 -12.69
N VAL B 199 -7.78 18.61 -12.24
CA VAL B 199 -8.96 18.85 -13.08
C VAL B 199 -9.71 20.07 -12.56
N ILE B 200 -9.99 21.03 -13.43
CA ILE B 200 -10.86 22.14 -13.10
C ILE B 200 -12.20 21.95 -13.76
N VAL B 201 -13.26 21.86 -12.95
CA VAL B 201 -14.59 21.66 -13.51
C VAL B 201 -15.52 22.82 -13.27
N ASN B 202 -16.40 23.02 -14.24
CA ASN B 202 -17.48 23.97 -14.11
C ASN B 202 -18.75 23.29 -13.57
N ALA B 203 -19.03 23.54 -12.31
CA ALA B 203 -20.20 23.01 -11.61
C ALA B 203 -21.50 23.61 -12.17
N ALA B 204 -21.39 24.83 -12.72
CA ALA B 204 -22.52 25.56 -13.31
C ALA B 204 -22.58 25.43 -14.84
N ALA B 205 -22.13 24.28 -15.37
CA ALA B 205 -22.13 24.06 -16.82
C ALA B 205 -23.59 23.98 -17.30
N LYS B 206 -23.79 24.18 -18.59
CA LYS B 206 -25.13 24.19 -19.16
C LYS B 206 -25.47 22.90 -19.91
N ASN B 207 -24.45 22.26 -20.51
CA ASN B 207 -24.67 20.99 -21.26
C ASN B 207 -24.36 19.65 -20.57
N PHE B 208 -23.92 19.73 -19.31
CA PHE B 208 -23.75 18.55 -18.47
C PHE B 208 -23.73 18.99 -17.02
N ASP B 209 -23.84 18.00 -16.12
CA ASP B 209 -23.80 18.24 -14.68
C ASP B 209 -22.36 18.11 -14.16
N GLY B 210 -21.72 19.25 -13.95
CA GLY B 210 -20.38 19.30 -13.38
C GLY B 210 -20.14 18.35 -12.21
N LEU B 211 -21.08 18.33 -11.26
CA LEU B 211 -20.92 17.51 -10.04
C LEU B 211 -21.03 16.05 -10.38
N ARG B 212 -21.96 15.72 -11.25
CA ARG B 212 -22.16 14.35 -11.67
C ARG B 212 -20.91 13.81 -12.33
N PHE B 213 -20.35 14.60 -13.23
CA PHE B 213 -19.09 14.25 -13.85
C PHE B 213 -17.97 14.03 -12.83
N THR B 214 -17.88 14.87 -11.81
CA THR B 214 -16.87 14.69 -10.76
C THR B 214 -17.08 13.41 -9.97
N ALA B 215 -18.35 13.12 -9.69
CA ALA B 215 -18.73 11.91 -8.99
C ALA B 215 -18.23 10.72 -9.78
N ALA B 216 -18.40 10.77 -11.10
CA ALA B 216 -17.94 9.69 -11.97
C ALA B 216 -16.44 9.40 -11.82
N LEU B 217 -15.63 10.46 -11.78
CA LEU B 217 -14.19 10.31 -11.52
C LEU B 217 -13.86 9.66 -10.17
N ARG B 218 -14.54 10.10 -9.11
CA ARG B 218 -14.33 9.55 -7.77
C ARG B 218 -14.72 8.08 -7.71
N SER B 219 -15.85 7.75 -8.35
CA SER B 219 -16.36 6.40 -8.36
C SER B 219 -15.36 5.47 -9.04
N GLU B 220 -14.77 5.94 -10.13
CA GLU B 220 -13.78 5.16 -10.88
C GLU B 220 -12.45 5.05 -10.13
N GLU B 221 -11.93 3.82 -10.03
CA GLU B 221 -10.77 3.55 -9.19
C GLU B 221 -9.54 4.36 -9.63
N ARG B 222 -9.30 4.35 -10.94
CA ARG B 222 -8.07 4.90 -11.54
C ARG B 222 -7.86 6.40 -11.29
N THR B 223 -8.95 7.12 -11.06
CA THR B 223 -8.92 8.58 -10.93
C THR B 223 -9.34 9.10 -9.55
N ARG B 224 -9.71 8.20 -8.64
CA ARG B 224 -10.28 8.58 -7.35
C ARG B 224 -9.43 9.55 -6.52
N GLN B 225 -8.10 9.44 -6.63
CA GLN B 225 -7.16 10.35 -5.92
C GLN B 225 -6.88 11.64 -6.67
N LEU B 226 -7.21 11.69 -7.97
CA LEU B 226 -7.02 12.91 -8.77
C LEU B 226 -7.70 14.17 -8.19
N PRO B 227 -6.92 15.25 -7.94
CA PRO B 227 -7.55 16.46 -7.39
C PRO B 227 -8.52 17.08 -8.37
N VAL B 228 -9.65 17.54 -7.84
CA VAL B 228 -10.62 18.26 -8.62
C VAL B 228 -10.93 19.57 -7.95
N LEU B 229 -11.08 20.60 -8.76
CA LEU B 229 -11.31 21.97 -8.32
C LEU B 229 -12.58 22.41 -8.99
N ALA B 230 -13.58 22.81 -8.22
CA ALA B 230 -14.91 23.09 -8.81
C ALA B 230 -15.18 24.59 -8.90
N MET B 231 -15.66 25.06 -10.05
CA MET B 231 -16.09 26.47 -10.19
C MET B 231 -17.56 26.53 -9.86
N VAL B 232 -17.94 27.29 -8.85
CA VAL B 232 -19.32 27.24 -8.33
C VAL B 232 -19.95 28.60 -8.22
N ASP B 233 -21.27 28.64 -8.37
CA ASP B 233 -22.06 29.88 -8.14
C ASP B 233 -22.00 30.26 -6.67
N PRO B 234 -21.41 31.43 -6.36
CA PRO B 234 -21.23 31.82 -4.95
C PRO B 234 -22.55 32.00 -4.17
N ASP B 235 -23.63 32.36 -4.86
CA ASP B 235 -24.93 32.62 -4.21
C ASP B 235 -25.78 31.35 -4.09
N ASP B 236 -25.13 30.18 -4.07
CA ASP B 236 -25.83 28.87 -4.04
C ASP B 236 -25.13 27.92 -3.05
N ARG B 237 -25.50 28.03 -1.79
CA ARG B 237 -24.76 27.35 -0.75
C ARG B 237 -24.95 25.83 -0.80
N GLY B 238 -26.19 25.41 -1.05
CA GLY B 238 -26.54 24.00 -1.08
C GLY B 238 -25.78 23.20 -2.11
N ARG B 239 -25.36 23.85 -3.18
CA ARG B 239 -24.61 23.18 -4.25
C ARG B 239 -23.12 23.10 -3.93
N MET B 240 -22.61 24.07 -3.16
CA MET B 240 -21.21 24.06 -2.70
C MET B 240 -21.02 22.93 -1.72
N VAL B 241 -21.94 22.83 -0.77
CA VAL B 241 -21.92 21.76 0.22
C VAL B 241 -21.98 20.40 -0.46
N LYS B 242 -22.88 20.26 -1.42
CA LYS B 242 -22.95 19.04 -2.19
C LYS B 242 -21.62 18.71 -2.87
N ALA B 243 -20.94 19.71 -3.38
CA ALA B 243 -19.69 19.51 -4.08
C ALA B 243 -18.63 18.98 -3.13
N LEU B 244 -18.48 19.62 -1.98
CA LEU B 244 -17.54 19.15 -0.97
C LEU B 244 -17.87 17.72 -0.53
N GLU B 245 -19.15 17.39 -0.47
CA GLU B 245 -19.58 16.07 -0.04
C GLU B 245 -19.24 14.99 -1.06
N ILE B 246 -19.38 15.24 -2.36
CA ILE B 246 -19.09 14.21 -3.38
C ILE B 246 -17.60 14.01 -3.58
N GLY B 247 -16.79 14.95 -3.15
CA GLY B 247 -15.34 14.75 -3.09
C GLY B 247 -14.49 15.78 -3.80
N VAL B 248 -15.01 16.96 -4.05
CA VAL B 248 -14.21 18.04 -4.62
C VAL B 248 -13.09 18.51 -3.65
N ASN B 249 -11.89 18.71 -4.15
CA ASN B 249 -10.78 19.14 -3.30
C ASN B 249 -10.85 20.58 -2.88
N ASP B 250 -11.37 21.44 -3.75
CA ASP B 250 -11.49 22.86 -3.45
C ASP B 250 -12.48 23.56 -4.39
N ILE B 251 -13.01 24.69 -3.91
CA ILE B 251 -14.05 25.40 -4.58
C ILE B 251 -13.60 26.79 -4.98
N LEU B 252 -13.96 27.18 -6.19
CA LEU B 252 -13.76 28.54 -6.68
C LEU B 252 -15.09 29.13 -6.95
N SER B 253 -15.24 30.37 -6.52
CA SER B 253 -16.42 31.15 -6.83
C SER B 253 -16.29 31.74 -8.23
N ARG B 254 -17.42 31.81 -8.93
CA ARG B 254 -17.59 32.65 -10.12
C ARG B 254 -18.02 34.04 -9.69
N PRO B 255 -17.53 35.10 -10.35
CA PRO B 255 -16.58 35.09 -11.45
C PRO B 255 -15.17 34.76 -10.94
N ILE B 256 -14.31 34.28 -11.84
CA ILE B 256 -13.02 33.72 -11.46
C ILE B 256 -11.91 34.74 -11.29
N ASP B 257 -11.51 34.97 -10.05
CA ASP B 257 -10.33 35.76 -9.76
C ASP B 257 -9.08 34.99 -10.27
N PRO B 258 -8.29 35.63 -11.14
CA PRO B 258 -7.09 34.98 -11.62
C PRO B 258 -6.05 34.69 -10.54
N GLN B 259 -5.87 35.59 -9.58
CA GLN B 259 -4.82 35.42 -8.59
C GLN B 259 -5.17 34.35 -7.62
N GLU B 260 -6.44 34.36 -7.24
CA GLU B 260 -6.97 33.34 -6.37
C GLU B 260 -6.85 31.99 -7.08
N LEU B 261 -7.24 31.94 -8.35
CA LEU B 261 -7.11 30.72 -9.13
C LEU B 261 -5.70 30.18 -9.13
N SER B 262 -4.72 31.02 -9.41
CA SER B 262 -3.32 30.55 -9.45
C SER B 262 -2.93 29.95 -8.11
N ALA B 263 -3.36 30.55 -7.02
CA ALA B 263 -2.92 30.18 -5.66
C ALA B 263 -3.51 28.85 -5.20
N ARG B 264 -4.74 28.58 -5.60
CA ARG B 264 -5.38 27.38 -5.18
C ARG B 264 -4.91 26.21 -6.01
N VAL B 265 -4.58 26.46 -7.28
CA VAL B 265 -4.04 25.42 -8.15
C VAL B 265 -2.69 25.01 -7.66
N LYS B 266 -1.81 25.98 -7.43
CA LYS B 266 -0.51 25.66 -6.85
C LYS B 266 -0.69 24.72 -5.66
N THR B 267 -1.42 25.17 -4.65
CA THR B 267 -1.62 24.43 -3.40
C THR B 267 -1.98 22.97 -3.62
N GLN B 268 -2.90 22.73 -4.55
CA GLN B 268 -3.39 21.39 -4.81
C GLN B 268 -2.36 20.53 -5.51
N ILE B 269 -1.70 21.10 -6.51
CA ILE B 269 -0.62 20.38 -7.18
C ILE B 269 0.51 20.09 -6.22
N GLN B 270 0.70 20.91 -5.21
CA GLN B 270 1.76 20.67 -4.24
C GLN B 270 1.45 19.47 -3.32
N ARG B 271 0.28 19.52 -2.69
CA ARG B 271 -0.24 18.45 -1.84
C ARG B 271 -0.39 17.13 -2.59
N LYS B 272 -0.84 17.19 -3.84
CA LYS B 272 -0.93 16.00 -4.69
C LYS B 272 0.45 15.34 -4.88
N ARG B 273 1.44 16.17 -5.16
CA ARG B 273 2.80 15.67 -5.42
C ARG B 273 3.45 15.07 -4.21
N TYR B 274 3.10 15.58 -3.02
CA TYR B 274 3.61 15.01 -1.78
C TYR B 274 3.02 13.63 -1.51
N THR B 275 1.81 13.40 -1.99
CA THR B 275 1.13 12.14 -1.75
C THR B 275 1.61 11.09 -2.72
N ASP B 276 2.06 11.55 -3.88
CA ASP B 276 2.67 10.64 -4.82
C ASP B 276 4.08 10.37 -4.41
N TYR B 277 4.71 11.37 -3.81
CA TYR B 277 6.03 11.17 -3.28
C TYR B 277 6.06 10.07 -2.22
N LEU B 278 5.01 9.97 -1.40
CA LEU B 278 4.94 8.93 -0.37
C LEU B 278 4.64 7.60 -1.03
N ARG B 279 3.66 7.58 -1.91
CA ARG B 279 3.35 6.37 -2.67
C ARG B 279 4.54 5.87 -3.47
N ASN B 280 5.40 6.78 -3.95
CA ASN B 280 6.56 6.39 -4.79
C ASN B 280 7.73 5.91 -3.95
N ASN B 281 7.93 6.52 -2.78
CA ASN B 281 8.94 5.97 -1.89
C ASN B 281 8.62 4.54 -1.38
N LEU B 282 7.35 4.25 -1.20
CA LEU B 282 6.93 2.97 -0.68
C LEU B 282 7.08 1.89 -1.77
N ASP B 283 6.93 2.28 -3.03
CA ASP B 283 7.11 1.34 -4.11
C ASP B 283 8.60 1.09 -4.32
N HIS B 284 9.39 2.15 -4.29
CA HIS B 284 10.85 2.02 -4.43
C HIS B 284 11.45 1.04 -3.43
N SER B 285 10.90 0.97 -2.22
CA SER B 285 11.55 0.19 -1.16
C SER B 285 11.14 -1.25 -1.30
N LEU B 286 9.86 -1.43 -1.57
CA LEU B 286 9.37 -2.71 -2.01
C LEU B 286 10.21 -3.26 -3.19
N GLU B 287 10.79 -2.42 -4.01
CA GLU B 287 11.45 -2.92 -5.21
C GLU B 287 12.82 -3.44 -4.87
N LEU B 288 13.52 -2.78 -3.94
CA LEU B 288 14.78 -3.25 -3.37
C LEU B 288 14.68 -4.58 -2.63
N ALA B 289 13.51 -4.93 -2.10
CA ALA B 289 13.41 -6.17 -1.32
C ALA B 289 13.45 -7.39 -2.25
N VAL B 290 14.39 -8.28 -1.99
CA VAL B 290 14.75 -9.35 -2.91
C VAL B 290 14.26 -10.72 -2.46
N THR B 291 13.90 -10.85 -1.18
CA THR B 291 13.46 -12.16 -0.66
C THR B 291 11.94 -12.28 -0.46
N ASP B 292 11.50 -13.52 -0.36
CA ASP B 292 10.19 -13.84 0.08
C ASP B 292 10.24 -14.01 1.59
N GLN B 293 9.44 -13.23 2.33
CA GLN B 293 9.48 -13.29 3.81
C GLN B 293 9.16 -14.67 4.42
N LEU B 294 8.09 -15.32 3.99
CA LEU B 294 7.76 -16.61 4.57
C LEU B 294 8.94 -17.60 4.48
N THR B 295 9.44 -17.80 3.28
CA THR B 295 10.40 -18.86 3.01
C THR B 295 11.89 -18.50 2.92
N GLY B 296 12.22 -17.22 2.84
CA GLY B 296 13.63 -16.82 2.74
C GLY B 296 14.34 -17.07 1.42
N LEU B 297 13.65 -17.65 0.43
CA LEU B 297 14.17 -17.66 -0.94
C LEU B 297 14.01 -16.28 -1.58
N HIS B 298 14.57 -16.17 -2.77
CA HIS B 298 14.31 -15.03 -3.61
C HIS B 298 12.85 -14.97 -4.08
N ASN B 299 12.38 -13.75 -4.32
CA ASN B 299 11.00 -13.54 -4.73
C ASN B 299 10.82 -13.58 -6.25
N ARG B 300 9.57 -13.53 -6.69
CA ARG B 300 9.25 -13.64 -8.09
C ARG B 300 9.88 -12.50 -8.85
N ARG B 301 9.76 -11.31 -8.29
CA ARG B 301 10.26 -10.13 -8.96
C ARG B 301 11.71 -10.38 -9.31
N TYR B 302 12.52 -10.72 -8.31
CA TYR B 302 13.95 -10.84 -8.52
C TYR B 302 14.31 -11.91 -9.53
N MET B 303 13.63 -13.05 -9.43
CA MET B 303 13.83 -14.11 -10.39
C MET B 303 13.50 -13.69 -11.84
N THR B 304 12.43 -12.94 -12.07
CA THR B 304 12.08 -12.61 -13.44
C THR B 304 13.14 -11.66 -14.01
N GLY B 305 13.58 -10.71 -13.23
CA GLY B 305 14.66 -9.81 -13.64
C GLY B 305 15.89 -10.55 -14.10
N GLN B 306 16.25 -11.59 -13.38
CA GLN B 306 17.43 -12.41 -13.72
C GLN B 306 17.12 -13.28 -14.91
N LEU B 307 15.93 -13.87 -14.90
CA LEU B 307 15.50 -14.71 -16.00
C LEU B 307 15.51 -13.94 -17.31
N ASP B 308 15.22 -12.64 -17.27
CA ASP B 308 15.21 -11.84 -18.48
C ASP B 308 16.60 -11.76 -19.09
N SER B 309 17.58 -11.40 -18.29
CA SER B 309 18.93 -11.28 -18.80
C SER B 309 19.50 -12.63 -19.28
N LEU B 310 19.16 -13.70 -18.56
CA LEU B 310 19.68 -15.01 -18.89
C LEU B 310 19.12 -15.45 -20.22
N VAL B 311 17.81 -15.31 -20.38
CA VAL B 311 17.17 -15.74 -21.63
C VAL B 311 17.58 -14.91 -22.82
N LYS B 312 17.75 -13.62 -22.61
CA LYS B 312 18.21 -12.78 -23.70
C LYS B 312 19.56 -13.27 -24.19
N ARG B 313 20.50 -13.42 -23.26
CA ARG B 313 21.83 -13.90 -23.59
C ARG B 313 21.79 -15.25 -24.27
N ALA B 314 20.81 -16.07 -23.94
CA ALA B 314 20.62 -17.37 -24.57
C ALA B 314 20.20 -17.28 -26.04
N THR B 315 19.30 -16.36 -26.33
CA THR B 315 18.77 -16.18 -27.68
C THR B 315 19.79 -15.58 -28.63
N LEU B 316 20.70 -14.75 -28.11
CA LEU B 316 21.73 -14.19 -28.95
C LEU B 316 22.90 -15.13 -29.09
N GLY B 317 22.70 -16.43 -28.84
CA GLY B 317 23.80 -17.40 -28.97
C GLY B 317 24.64 -17.39 -27.70
N GLY B 318 24.76 -18.54 -27.08
CA GLY B 318 25.17 -18.52 -25.69
C GLY B 318 24.39 -19.51 -24.89
N ASP B 319 24.67 -19.48 -23.58
CA ASP B 319 24.30 -20.55 -22.66
C ASP B 319 22.76 -20.73 -22.64
N PRO B 320 22.28 -21.94 -22.93
CA PRO B 320 20.88 -22.20 -22.69
C PRO B 320 20.51 -22.15 -21.20
N VAL B 321 19.25 -21.86 -20.91
CA VAL B 321 18.75 -21.75 -19.56
C VAL B 321 17.59 -22.70 -19.44
N SER B 322 17.47 -23.39 -18.32
CA SER B 322 16.29 -24.21 -18.06
C SER B 322 15.51 -23.68 -16.88
N ALA B 323 14.24 -24.04 -16.82
CA ALA B 323 13.39 -23.63 -15.71
C ALA B 323 12.54 -24.79 -15.24
N LEU B 324 12.49 -24.95 -13.94
CA LEU B 324 11.62 -25.90 -13.30
C LEU B 324 10.47 -25.17 -12.64
N LEU B 325 9.25 -25.65 -12.86
CA LEU B 325 8.09 -25.10 -12.21
C LEU B 325 7.40 -26.17 -11.34
N ILE B 326 7.39 -25.93 -10.03
CA ILE B 326 7.01 -26.93 -9.04
C ILE B 326 5.74 -26.53 -8.32
N ASP B 327 4.76 -27.41 -8.29
CA ASP B 327 3.49 -27.11 -7.65
C ASP B 327 3.19 -28.19 -6.64
N ILE B 328 2.96 -27.76 -5.40
CA ILE B 328 2.67 -28.70 -4.34
C ILE B 328 1.26 -29.26 -4.45
N ASP B 329 1.16 -30.58 -4.36
CA ASP B 329 -0.09 -31.29 -4.60
C ASP B 329 -1.01 -31.17 -3.42
N PHE B 330 -2.28 -30.92 -3.71
CA PHE B 330 -3.33 -30.91 -2.69
C PHE B 330 -3.04 -29.96 -1.55
N PHE B 331 -2.42 -28.83 -1.85
CA PHE B 331 -2.00 -27.93 -0.79
C PHE B 331 -3.14 -27.23 -0.04
N LYS B 332 -4.33 -27.26 -0.59
CA LYS B 332 -5.50 -26.74 0.12
C LYS B 332 -5.99 -27.69 1.19
N LYS B 333 -6.21 -28.94 0.80
CA LYS B 333 -6.63 -29.98 1.74
C LYS B 333 -5.76 -29.89 3.01
N ILE B 334 -4.47 -29.58 2.84
CA ILE B 334 -3.56 -29.38 3.94
C ILE B 334 -4.03 -28.20 4.76
N ASN B 335 -4.09 -27.04 4.13
CA ASN B 335 -4.53 -25.83 4.82
C ASN B 335 -5.93 -25.97 5.45
N ASP B 336 -6.80 -26.73 4.79
CA ASP B 336 -8.16 -26.91 5.25
C ASP B 336 -8.18 -27.82 6.45
N THR B 337 -7.47 -28.95 6.37
CA THR B 337 -7.48 -29.95 7.41
C THR B 337 -6.67 -29.48 8.61
N PHE B 338 -5.43 -29.09 8.41
CA PHE B 338 -4.55 -28.82 9.54
C PHE B 338 -4.37 -27.35 9.88
N GLY B 339 -4.94 -26.47 9.07
CA GLY B 339 -4.83 -25.04 9.31
C GLY B 339 -3.68 -24.40 8.57
N HIS B 340 -3.75 -23.10 8.38
CA HIS B 340 -2.74 -22.39 7.61
C HIS B 340 -1.38 -22.25 8.28
N ASP B 341 -1.33 -22.44 9.60
CA ASP B 341 -0.09 -22.34 10.33
C ASP B 341 0.82 -23.51 9.97
N ILE B 342 0.24 -24.69 9.82
CA ILE B 342 1.00 -25.89 9.43
C ILE B 342 1.32 -25.87 7.95
N GLY B 343 0.40 -25.32 7.16
CA GLY B 343 0.66 -25.02 5.76
C GLY B 343 1.88 -24.14 5.54
N ASP B 344 2.03 -23.11 6.36
CA ASP B 344 3.20 -22.26 6.26
C ASP B 344 4.46 -23.10 6.54
N GLU B 345 4.36 -24.08 7.44
CA GLU B 345 5.48 -24.94 7.79
C GLU B 345 5.82 -25.93 6.69
N VAL B 346 4.82 -26.48 6.05
CA VAL B 346 5.08 -27.30 4.89
C VAL B 346 5.89 -26.54 3.87
N LEU B 347 5.54 -25.29 3.61
CA LEU B 347 6.23 -24.51 2.59
C LEU B 347 7.62 -24.14 2.98
N ARG B 348 7.82 -23.96 4.26
CA ARG B 348 9.10 -23.55 4.82
C ARG B 348 10.06 -24.72 4.76
N GLU B 349 9.60 -25.88 5.15
CA GLU B 349 10.44 -27.05 5.09
C GLU B 349 10.79 -27.35 3.64
N PHE B 350 9.78 -27.41 2.79
CA PHE B 350 9.99 -27.73 1.40
C PHE B 350 11.02 -26.81 0.78
N ALA B 351 10.94 -25.53 1.10
CA ALA B 351 11.91 -24.55 0.61
C ALA B 351 13.34 -24.95 0.95
N LEU B 352 13.57 -25.47 2.16
CA LEU B 352 14.91 -25.84 2.57
C LEU B 352 15.36 -27.10 1.84
N ARG B 353 14.46 -28.05 1.61
CA ARG B 353 14.84 -29.26 0.89
C ARG B 353 15.29 -28.92 -0.51
N LEU B 354 14.59 -27.97 -1.09
CA LEU B 354 14.82 -27.56 -2.45
C LEU B 354 16.19 -26.91 -2.57
N ALA B 355 16.38 -25.85 -1.78
CA ALA B 355 17.60 -25.09 -1.80
C ALA B 355 18.85 -25.97 -1.66
N SER B 356 18.78 -26.98 -0.80
CA SER B 356 19.93 -27.81 -0.50
C SER B 356 20.12 -28.95 -1.49
N ASN B 357 19.16 -29.21 -2.37
CA ASN B 357 19.34 -30.25 -3.40
C ASN B 357 19.61 -29.78 -4.82
N VAL B 358 20.15 -28.58 -4.92
CA VAL B 358 20.37 -27.93 -6.18
C VAL B 358 21.60 -27.10 -6.01
N ARG B 359 22.37 -26.94 -7.07
CA ARG B 359 23.64 -26.22 -6.97
C ARG B 359 23.43 -24.77 -6.68
N ALA B 360 24.44 -24.11 -6.16
CA ALA B 360 24.32 -22.74 -5.69
C ALA B 360 24.19 -21.71 -6.83
N ILE B 361 24.69 -22.07 -8.00
CA ILE B 361 24.50 -21.28 -9.18
C ILE B 361 23.05 -21.31 -9.68
N ASP B 362 22.31 -22.33 -9.29
CA ASP B 362 20.89 -22.37 -9.58
C ASP B 362 20.16 -21.32 -8.74
N LEU B 363 18.95 -20.98 -9.15
CA LEU B 363 18.22 -19.88 -8.54
C LEU B 363 16.83 -20.32 -8.21
N PRO B 364 16.64 -20.83 -6.99
CA PRO B 364 15.31 -21.26 -6.56
C PRO B 364 14.53 -20.10 -6.00
N CYS B 365 13.24 -20.03 -6.31
CA CYS B 365 12.40 -18.96 -5.77
C CYS B 365 10.97 -19.34 -5.54
N ARG B 366 10.31 -18.49 -4.75
CA ARG B 366 8.89 -18.56 -4.45
C ARG B 366 8.17 -17.85 -5.58
N TYR B 367 7.45 -18.60 -6.39
CA TYR B 367 6.85 -18.05 -7.59
C TYR B 367 5.43 -17.59 -7.31
N GLY B 368 4.64 -18.46 -6.72
CA GLY B 368 3.29 -18.12 -6.29
C GLY B 368 2.93 -18.75 -4.97
N GLY B 369 1.68 -18.59 -4.58
CA GLY B 369 1.20 -19.12 -3.32
C GLY B 369 1.79 -20.46 -2.96
N GLU B 370 1.50 -21.46 -3.79
CA GLU B 370 1.94 -22.83 -3.61
C GLU B 370 2.89 -23.28 -4.76
N GLU B 371 3.51 -22.32 -5.44
CA GLU B 371 4.36 -22.66 -6.59
C GLU B 371 5.76 -22.15 -6.39
N PHE B 372 6.72 -22.93 -6.87
CA PHE B 372 8.14 -22.55 -6.81
C PHE B 372 8.79 -22.75 -8.16
N VAL B 373 9.81 -21.96 -8.44
CA VAL B 373 10.50 -22.07 -9.69
C VAL B 373 11.96 -22.19 -9.44
N VAL B 374 12.62 -23.07 -10.17
CA VAL B 374 14.07 -23.05 -10.18
C VAL B 374 14.63 -22.74 -11.55
N ILE B 375 15.54 -21.78 -11.58
CA ILE B 375 16.23 -21.38 -12.78
C ILE B 375 17.64 -21.97 -12.82
N MET B 376 17.92 -22.71 -13.89
CA MET B 376 19.20 -23.38 -14.05
C MET B 376 19.98 -22.87 -15.25
N PRO B 377 20.90 -21.96 -15.02
CA PRO B 377 21.73 -21.53 -16.12
C PRO B 377 22.53 -22.67 -16.73
N ASP B 378 22.96 -22.47 -17.97
CA ASP B 378 23.80 -23.41 -18.73
C ASP B 378 23.32 -24.87 -18.68
N THR B 379 22.02 -25.06 -18.82
CA THR B 379 21.40 -26.38 -18.66
C THR B 379 20.36 -26.59 -19.75
N ALA B 380 20.54 -27.67 -20.49
CA ALA B 380 19.61 -28.04 -21.57
C ALA B 380 18.54 -28.94 -20.99
N LEU B 381 17.57 -29.32 -21.82
CA LEU B 381 16.34 -29.96 -21.33
C LEU B 381 16.54 -31.32 -20.66
N ALA B 382 17.45 -32.15 -21.18
CA ALA B 382 17.68 -33.50 -20.64
C ALA B 382 18.16 -33.45 -19.19
N ASP B 383 19.23 -32.68 -18.93
CA ASP B 383 19.75 -32.48 -17.56
C ASP B 383 18.68 -31.94 -16.61
N ALA B 384 17.84 -31.04 -17.13
CA ALA B 384 16.75 -30.43 -16.35
C ALA B 384 15.69 -31.46 -15.94
N LEU B 385 15.43 -32.43 -16.80
CA LEU B 385 14.46 -33.49 -16.48
C LEU B 385 15.01 -34.44 -15.44
N ARG B 386 16.33 -34.53 -15.40
CA ARG B 386 17.03 -35.39 -14.45
C ARG B 386 17.07 -34.73 -13.09
N ILE B 387 17.41 -33.44 -13.09
CA ILE B 387 17.35 -32.62 -11.90
C ILE B 387 15.96 -32.62 -11.29
N ALA B 388 14.94 -32.55 -12.14
CA ALA B 388 13.58 -32.46 -11.63
C ALA B 388 13.19 -33.76 -10.94
N GLU B 389 13.51 -34.86 -11.58
CA GLU B 389 13.20 -36.19 -11.09
C GLU B 389 13.89 -36.44 -9.78
N ARG B 390 15.13 -35.98 -9.67
CA ARG B 390 15.86 -36.02 -8.41
C ARG B 390 15.09 -35.28 -7.30
N ILE B 391 14.72 -34.02 -7.54
CA ILE B 391 13.96 -33.25 -6.55
C ILE B 391 12.65 -33.93 -6.16
N ARG B 392 11.94 -34.48 -7.14
CA ARG B 392 10.68 -35.10 -6.89
C ARG B 392 10.82 -36.20 -5.87
N MET B 393 11.80 -37.06 -6.08
CA MET B 393 11.93 -38.26 -5.26
C MET B 393 12.35 -37.92 -3.89
N HIS B 394 13.07 -36.84 -3.84
CA HIS B 394 13.40 -36.24 -2.63
C HIS B 394 12.29 -35.82 -1.71
N VAL B 395 11.23 -35.21 -2.25
CA VAL B 395 10.15 -34.77 -1.39
C VAL B 395 9.27 -35.99 -1.08
N SER B 396 9.10 -36.88 -2.05
CA SER B 396 8.26 -38.05 -1.84
C SER B 396 8.97 -39.20 -1.10
N GLY B 397 10.28 -39.07 -0.93
CA GLY B 397 11.12 -40.18 -0.47
C GLY B 397 11.22 -40.30 1.04
N SER B 398 11.29 -39.17 1.73
CA SER B 398 11.28 -39.14 3.20
C SER B 398 10.28 -38.14 3.72
N PRO B 399 9.43 -38.55 4.69
CA PRO B 399 8.38 -37.64 5.10
C PRO B 399 8.90 -36.32 5.65
N PHE B 400 8.01 -35.35 5.79
CA PHE B 400 8.38 -34.08 6.35
C PHE B 400 8.31 -34.16 7.86
N THR B 401 9.32 -33.58 8.50
CA THR B 401 9.34 -33.33 9.98
C THR B 401 8.00 -32.82 10.59
N VAL B 402 7.22 -32.10 9.79
CA VAL B 402 5.97 -31.55 10.24
C VAL B 402 4.85 -32.57 10.18
N ALA B 403 5.02 -33.60 9.36
CA ALA B 403 4.01 -34.67 9.21
C ALA B 403 4.27 -35.82 10.18
N HIS B 404 5.27 -35.64 11.02
CA HIS B 404 5.75 -36.70 11.90
C HIS B 404 4.58 -37.21 12.76
N GLY B 405 4.09 -36.35 13.63
CA GLY B 405 3.00 -36.70 14.53
C GLY B 405 1.61 -36.61 13.92
N ARG B 406 1.53 -36.22 12.65
CA ARG B 406 0.25 -36.21 11.96
C ARG B 406 0.28 -37.32 10.95
N GLU B 407 -0.33 -38.43 11.29
CA GLU B 407 -0.40 -39.56 10.36
C GLU B 407 -1.29 -39.28 9.14
N MET B 408 -1.53 -38.01 8.82
CA MET B 408 -2.43 -37.61 7.73
C MET B 408 -1.68 -37.02 6.53
N LEU B 409 -0.52 -36.42 6.80
CA LEU B 409 0.24 -35.78 5.74
C LEU B 409 1.03 -36.81 4.93
N ASN B 410 1.23 -36.44 3.67
CA ASN B 410 2.00 -37.19 2.68
C ASN B 410 2.30 -36.25 1.50
N VAL B 411 3.35 -35.44 1.63
CA VAL B 411 3.64 -34.36 0.66
C VAL B 411 4.36 -34.77 -0.63
N THR B 412 3.66 -34.69 -1.77
CA THR B 412 4.24 -34.93 -3.10
C THR B 412 4.16 -33.68 -3.99
N ILE B 413 5.00 -33.59 -5.02
CA ILE B 413 4.94 -32.45 -5.96
C ILE B 413 4.74 -32.86 -7.40
N SER B 414 4.26 -31.93 -8.22
CA SER B 414 4.12 -32.15 -9.65
C SER B 414 5.03 -31.12 -10.32
N ILE B 415 5.88 -31.52 -11.26
CA ILE B 415 6.88 -30.57 -11.80
C ILE B 415 6.78 -30.43 -13.30
N GLY B 416 6.93 -29.20 -13.79
CA GLY B 416 6.94 -28.92 -15.22
C GLY B 416 8.26 -28.33 -15.62
N VAL B 417 8.86 -28.87 -16.67
CA VAL B 417 10.21 -28.52 -17.06
C VAL B 417 10.27 -27.88 -18.45
N SER B 418 11.18 -26.92 -18.61
CA SER B 418 11.33 -26.21 -19.87
C SER B 418 12.73 -25.67 -20.09
N ALA B 419 13.06 -25.38 -21.34
CA ALA B 419 14.37 -24.88 -21.68
C ALA B 419 14.29 -23.91 -22.83
N THR B 420 15.18 -22.93 -22.86
CA THR B 420 15.21 -22.00 -24.00
C THR B 420 15.37 -22.72 -25.35
N ALA B 421 14.91 -22.06 -26.42
CA ALA B 421 14.87 -22.64 -27.77
C ALA B 421 15.48 -21.70 -28.81
N GLY B 422 16.62 -21.13 -28.47
CA GLY B 422 17.30 -20.20 -29.37
C GLY B 422 16.54 -18.91 -29.66
N GLU B 423 17.02 -18.15 -30.63
CA GLU B 423 16.45 -16.83 -30.89
C GLU B 423 14.98 -16.91 -31.17
N GLY B 424 14.28 -15.87 -30.71
CA GLY B 424 12.86 -15.80 -30.79
C GLY B 424 12.18 -16.11 -29.47
N ASP B 425 12.86 -16.82 -28.58
CA ASP B 425 12.22 -17.29 -27.37
C ASP B 425 12.19 -16.15 -26.36
N THR B 426 11.29 -16.28 -25.39
CA THR B 426 11.08 -15.25 -24.38
C THR B 426 10.74 -15.88 -23.04
N PRO B 427 11.00 -15.15 -21.94
CA PRO B 427 10.73 -15.62 -20.57
C PRO B 427 9.28 -16.02 -20.38
N GLU B 428 8.38 -15.24 -20.95
CA GLU B 428 6.97 -15.55 -20.86
C GLU B 428 6.64 -16.89 -21.52
N ALA B 429 7.16 -17.15 -22.70
CA ALA B 429 6.97 -18.44 -23.38
C ALA B 429 7.59 -19.61 -22.60
N LEU B 430 8.75 -19.38 -22.00
CA LEU B 430 9.46 -20.39 -21.23
C LEU B 430 8.71 -20.81 -19.96
N LEU B 431 8.19 -19.83 -19.23
CA LEU B 431 7.33 -20.15 -18.08
C LEU B 431 5.97 -20.71 -18.46
N LYS B 432 5.44 -20.28 -19.61
CA LYS B 432 4.17 -20.81 -20.11
C LYS B 432 4.32 -22.28 -20.54
N ARG B 433 5.47 -22.63 -21.11
CA ARG B 433 5.77 -24.02 -21.47
C ARG B 433 5.87 -24.92 -20.25
N ALA B 434 6.51 -24.43 -19.20
CA ALA B 434 6.54 -25.15 -17.94
C ALA B 434 5.12 -25.25 -17.31
N ASP B 435 4.28 -24.23 -17.44
CA ASP B 435 2.90 -24.34 -16.94
C ASP B 435 2.11 -25.43 -17.66
N GLU B 436 2.40 -25.65 -18.94
CA GLU B 436 1.77 -26.75 -19.66
C GLU B 436 2.28 -28.09 -19.11
N GLY B 437 3.55 -28.13 -18.75
CA GLY B 437 4.13 -29.27 -18.06
C GLY B 437 3.46 -29.58 -16.73
N VAL B 438 3.27 -28.57 -15.89
CA VAL B 438 2.62 -28.75 -14.60
C VAL B 438 1.23 -29.28 -14.83
N TYR B 439 0.53 -28.66 -15.77
CA TYR B 439 -0.84 -29.02 -16.07
C TYR B 439 -0.93 -30.49 -16.42
N GLN B 440 0.03 -30.94 -17.24
CA GLN B 440 0.02 -32.33 -17.75
C GLN B 440 0.38 -33.33 -16.61
N ALA B 441 1.32 -32.93 -15.76
CA ALA B 441 1.72 -33.73 -14.61
C ALA B 441 0.55 -34.00 -13.65
N LYS B 442 -0.29 -32.99 -13.43
CA LYS B 442 -1.45 -33.12 -12.59
C LYS B 442 -2.56 -33.98 -13.19
N ALA B 443 -2.71 -33.95 -14.52
CA ALA B 443 -3.72 -34.78 -15.18
C ALA B 443 -3.31 -36.27 -15.25
N SER B 444 -2.01 -36.54 -15.20
CA SER B 444 -1.52 -37.92 -15.22
C SER B 444 -1.89 -38.68 -13.95
N GLY B 445 -1.99 -37.95 -12.84
CA GLY B 445 -2.15 -38.53 -11.50
C GLY B 445 -1.64 -37.61 -10.39
N ARG B 446 -0.43 -37.08 -10.57
CA ARG B 446 0.25 -36.10 -9.69
C ARG B 446 1.57 -36.75 -9.32
N ASN B 447 2.43 -36.07 -8.59
CA ASN B 447 3.75 -36.62 -8.24
C ASN B 447 4.48 -37.19 -9.48
N ALA B 448 4.69 -36.33 -10.47
CA ALA B 448 5.25 -36.71 -11.77
C ALA B 448 5.98 -35.53 -12.38
N VAL B 449 6.97 -35.81 -13.23
CA VAL B 449 7.73 -34.77 -13.95
C VAL B 449 7.37 -34.86 -15.40
N VAL B 450 7.00 -33.73 -16.01
CA VAL B 450 6.67 -33.70 -17.44
C VAL B 450 7.33 -32.55 -18.13
N GLY B 451 8.16 -32.90 -19.12
CA GLY B 451 8.88 -31.93 -19.93
C GLY B 451 8.03 -31.42 -21.07
N LYS B 452 8.49 -30.36 -21.72
CA LYS B 452 7.74 -29.72 -22.80
C LYS B 452 8.67 -28.87 -23.68
N ALA B 453 8.98 -29.39 -24.89
CA ALA B 453 9.80 -28.70 -25.92
C ALA B 453 8.93 -27.88 -26.92
N ALA B 454 9.58 -27.12 -27.82
CA ALA B 454 8.86 -26.37 -28.89
C ALA B 454 7.91 -27.27 -29.76
#